data_6C8P
#
_entry.id   6C8P
#
_cell.length_a   78.772
_cell.length_b   78.772
_cell.length_c   224.698
_cell.angle_alpha   90.00
_cell.angle_beta   90.00
_cell.angle_gamma   90.00
#
_symmetry.space_group_name_H-M   'P 43 21 2'
#
loop_
_entity.id
_entity.type
_entity.pdbx_description
1 polymer 'Malate synthase G'
2 non-polymer 'MAGNESIUM ION'
3 non-polymer '(2Z)-4-(2-fluorophenyl)-2-hydroxy-4-oxobut-2-enoic acid'
4 non-polymer DI(HYDROXYETHYL)ETHER
5 water water
#
_entity_poly.entity_id   1
_entity_poly.type   'polypeptide(L)'
_entity_poly.pdbx_seq_one_letter_code
;MTDRVSVGNLRIARVLYDFVNNEALPGTDIDPDSFWAGVDKVVADLTPQNQALLNARDELQAQIDKWHRRRVIEPIDMDA
YRQFLTEIGYLLPEPDDFTITTSGVDAEITTTAGPQLVVPVLNARFALNAANARWGSLYDALYGTDVIPETDGAEKGPTY
NKVRGDKVIAYARKFLDDSVPLSSGSFGDATGFTVQDGQLVVALPDKSTGLANPGQFAGYTGAAESPTSVLLINHGLHIE
ILIDPESQVGTTDRAGVKDVILESAITTIMDFEDSVAAVDAADKVLGYRNWLGLNKGDLAAAVDKDGTAFLRVLNRDRNY
TAPGGGQFTLPGRSLMFVRNVGHLMTNDAIVDTDGSEVFEGIMDALFTGLIAIHGLKASDVNGPLINSRTGSIYIVKPKM
HGPAEVAFTCELFSRVEDVLGLPQNTMKIGIMDEERRTTVNLKACIKAAADRVVFINTGFLDRTGDEIHTSMEAGPMVRK
GTMKSQPWILAYEDHNVDAGLAAGFSGRAQVGKGMWTMTELMADMVETKIAQPRAGASTAWVPSPTAATLHALHYHQVDV
AAVQQGLAGKRRATIEQLLTIPLAKELAWAPDEIREEVDNNCQSILGYVVRWVDQGVGASKVPDIHDVALMEDRATLRIS
SQLLANWLRHGVITSADVRASLERMAPLVDRQNAGDVAYRPMAPNFDDSIAFLAAQELILSGAQQPNGYTEPILHRRRRE
FKARAAEKPAPSDRAGDDAAR
;
_entity_poly.pdbx_strand_id   A
#
loop_
_chem_comp.id
_chem_comp.type
_chem_comp.name
_chem_comp.formula
EQA non-polymer '(2Z)-4-(2-fluorophenyl)-2-hydroxy-4-oxobut-2-enoic acid' 'C10 H7 F O4'
MG non-polymer 'MAGNESIUM ION' 'Mg 2'
PEG non-polymer DI(HYDROXYETHYL)ETHER 'C4 H10 O3'
#
# COMPACT_ATOMS: atom_id res chain seq x y z
N THR A 2 -37.11 -2.15 -9.96
CA THR A 2 -35.73 -2.29 -9.53
C THR A 2 -35.23 -3.71 -9.74
N ASP A 3 -33.91 -3.82 -9.83
CA ASP A 3 -33.23 -5.11 -9.77
CA ASP A 3 -33.27 -5.13 -9.75
C ASP A 3 -32.57 -5.23 -8.40
N ARG A 4 -33.36 -5.14 -7.34
CA ARG A 4 -32.87 -5.18 -5.98
C ARG A 4 -33.62 -6.24 -5.19
N VAL A 5 -33.01 -6.64 -4.07
CA VAL A 5 -33.53 -7.65 -3.17
C VAL A 5 -33.85 -6.99 -1.83
N SER A 6 -35.05 -7.22 -1.31
CA SER A 6 -35.45 -6.62 -0.04
C SER A 6 -35.03 -7.54 1.10
N VAL A 7 -34.20 -7.01 2.00
CA VAL A 7 -33.85 -7.66 3.26
C VAL A 7 -34.03 -6.61 4.34
N GLY A 8 -35.09 -6.74 5.14
CA GLY A 8 -35.34 -5.74 6.17
C GLY A 8 -35.50 -4.37 5.55
N ASN A 9 -34.71 -3.41 6.05
CA ASN A 9 -34.73 -2.05 5.53
C ASN A 9 -33.81 -1.85 4.32
N LEU A 10 -33.15 -2.89 3.85
CA LEU A 10 -32.15 -2.72 2.80
C LEU A 10 -32.68 -3.22 1.47
N ARG A 11 -32.17 -2.63 0.40
CA ARG A 11 -32.50 -3.04 -0.97
C ARG A 11 -31.18 -3.33 -1.67
N ILE A 12 -30.84 -4.60 -1.83
CA ILE A 12 -29.51 -5.05 -2.24
C ILE A 12 -29.48 -5.24 -3.75
N ALA A 13 -28.49 -4.64 -4.41
CA ALA A 13 -28.31 -4.87 -5.84
C ALA A 13 -28.25 -6.36 -6.14
N ARG A 14 -29.02 -6.80 -7.14
CA ARG A 14 -29.16 -8.24 -7.38
C ARG A 14 -27.81 -8.91 -7.67
N VAL A 15 -26.90 -8.22 -8.37
CA VAL A 15 -25.61 -8.83 -8.71
C VAL A 15 -24.81 -9.15 -7.45
N LEU A 16 -24.91 -8.28 -6.44
CA LEU A 16 -24.22 -8.52 -5.18
C LEU A 16 -24.93 -9.60 -4.36
N TYR A 17 -26.27 -9.58 -4.31
CA TYR A 17 -26.99 -10.64 -3.62
C TYR A 17 -26.64 -12.01 -4.19
N ASP A 18 -26.63 -12.13 -5.52
CA ASP A 18 -26.33 -13.41 -6.16
C ASP A 18 -24.90 -13.84 -5.89
N PHE A 19 -23.95 -12.91 -6.00
CA PHE A 19 -22.56 -13.26 -5.76
C PHE A 19 -22.36 -13.79 -4.35
N VAL A 20 -22.96 -13.13 -3.36
CA VAL A 20 -22.79 -13.56 -1.98
C VAL A 20 -23.39 -14.96 -1.78
N ASN A 21 -24.61 -15.18 -2.29
CA ASN A 21 -25.27 -16.45 -2.03
C ASN A 21 -24.62 -17.60 -2.78
N ASN A 22 -24.21 -17.36 -4.02
CA ASN A 22 -23.75 -18.44 -4.89
C ASN A 22 -22.26 -18.69 -4.79
N GLU A 23 -21.47 -17.68 -4.41
CA GLU A 23 -20.02 -17.78 -4.49
C GLU A 23 -19.34 -17.59 -3.14
N ALA A 24 -19.75 -16.60 -2.34
CA ALA A 24 -19.03 -16.32 -1.11
C ALA A 24 -19.51 -17.16 0.07
N LEU A 25 -20.80 -17.37 0.21
CA LEU A 25 -21.31 -18.08 1.37
C LEU A 25 -21.07 -19.60 1.35
N PRO A 26 -21.23 -20.28 0.21
CA PRO A 26 -21.03 -21.74 0.22
C PRO A 26 -19.63 -22.12 0.69
N GLY A 27 -19.57 -22.99 1.68
CA GLY A 27 -18.32 -23.42 2.27
C GLY A 27 -18.01 -22.79 3.61
N THR A 28 -18.76 -21.78 4.02
CA THR A 28 -18.49 -21.08 5.28
C THR A 28 -19.38 -21.57 6.42
N ASP A 29 -20.37 -22.40 6.14
CA ASP A 29 -21.33 -22.90 7.12
C ASP A 29 -22.22 -21.80 7.70
N ILE A 30 -22.25 -20.63 7.07
CA ILE A 30 -23.10 -19.54 7.53
C ILE A 30 -24.43 -19.62 6.81
N ASP A 31 -25.52 -19.62 7.58
CA ASP A 31 -26.85 -19.63 7.00
C ASP A 31 -27.11 -18.35 6.23
N PRO A 32 -27.41 -18.43 4.93
CA PRO A 32 -27.68 -17.20 4.16
C PRO A 32 -28.71 -16.28 4.78
N ASP A 33 -29.79 -16.83 5.33
CA ASP A 33 -30.78 -15.99 5.99
C ASP A 33 -30.19 -15.29 7.21
N SER A 34 -29.35 -16.00 7.98
CA SER A 34 -28.70 -15.37 9.13
C SER A 34 -27.74 -14.28 8.69
N PHE A 35 -27.03 -14.51 7.58
CA PHE A 35 -26.05 -13.53 7.14
C PHE A 35 -26.73 -12.22 6.75
N TRP A 36 -27.75 -12.29 5.90
CA TRP A 36 -28.40 -11.09 5.41
C TRP A 36 -29.17 -10.38 6.51
N ALA A 37 -29.75 -11.10 7.46
CA ALA A 37 -30.33 -10.42 8.62
C ALA A 37 -29.25 -9.72 9.43
N GLY A 38 -28.06 -10.32 9.52
CA GLY A 38 -26.95 -9.65 10.19
C GLY A 38 -26.51 -8.38 9.49
N VAL A 39 -26.45 -8.41 8.14
CA VAL A 39 -26.13 -7.21 7.38
C VAL A 39 -27.13 -6.10 7.70
N ASP A 40 -28.42 -6.43 7.65
CA ASP A 40 -29.46 -5.46 7.98
C ASP A 40 -29.26 -4.88 9.37
N LYS A 41 -29.01 -5.75 10.36
CA LYS A 41 -28.91 -5.26 11.74
C LYS A 41 -27.66 -4.45 11.98
N VAL A 42 -26.52 -4.89 11.42
CA VAL A 42 -25.27 -4.14 11.58
C VAL A 42 -25.36 -2.78 10.90
N VAL A 43 -25.92 -2.73 9.68
CA VAL A 43 -26.07 -1.44 9.00
C VAL A 43 -26.98 -0.53 9.82
N ALA A 44 -28.12 -1.06 10.28
CA ALA A 44 -29.04 -0.23 11.06
C ALA A 44 -28.39 0.27 12.35
N ASP A 45 -27.63 -0.58 13.04
CA ASP A 45 -27.09 -0.24 14.35
C ASP A 45 -25.92 0.74 14.28
N LEU A 46 -25.05 0.62 13.26
CA LEU A 46 -23.80 1.41 13.24
C LEU A 46 -23.85 2.65 12.37
N THR A 47 -24.80 2.73 11.43
CA THR A 47 -24.84 3.89 10.54
C THR A 47 -24.93 5.21 11.29
N PRO A 48 -25.76 5.37 12.33
CA PRO A 48 -25.77 6.66 13.06
C PRO A 48 -24.42 7.07 13.60
N GLN A 49 -23.66 6.15 14.21
CA GLN A 49 -22.34 6.50 14.74
C GLN A 49 -21.38 6.86 13.62
N ASN A 50 -21.43 6.12 12.52
CA ASN A 50 -20.62 6.45 11.35
C ASN A 50 -20.88 7.89 10.91
N GLN A 51 -22.16 8.27 10.80
CA GLN A 51 -22.50 9.64 10.40
C GLN A 51 -22.01 10.65 11.43
N ALA A 52 -22.13 10.32 12.72
CA ALA A 52 -21.74 11.25 13.77
C ALA A 52 -20.24 11.51 13.73
N LEU A 53 -19.45 10.48 13.43
CA LEU A 53 -18.02 10.67 13.28
C LEU A 53 -17.70 11.60 12.10
N LEU A 54 -18.40 11.42 10.97
CA LEU A 54 -18.16 12.31 9.83
C LEU A 54 -18.55 13.75 10.18
N ASN A 55 -19.64 13.93 10.92
CA ASN A 55 -20.04 15.28 11.32
C ASN A 55 -19.02 15.91 12.28
N ALA A 56 -18.38 15.10 13.14
CA ALA A 56 -17.36 15.64 14.03
C ALA A 56 -16.15 16.15 13.25
N ARG A 57 -15.76 15.46 12.18
CA ARG A 57 -14.71 15.95 11.30
C ARG A 57 -15.06 17.36 10.78
N ASP A 58 -16.29 17.52 10.28
CA ASP A 58 -16.72 18.80 9.73
C ASP A 58 -16.70 19.89 10.80
N GLU A 59 -17.20 19.58 12.00
CA GLU A 59 -17.20 20.57 13.09
C GLU A 59 -15.79 21.03 13.43
N LEU A 60 -14.85 20.08 13.57
CA LEU A 60 -13.48 20.46 13.91
C LEU A 60 -12.86 21.32 12.81
N GLN A 61 -13.02 20.90 11.54
CA GLN A 61 -12.43 21.66 10.45
C GLN A 61 -12.99 23.07 10.36
N ALA A 62 -14.29 23.24 10.63
CA ALA A 62 -14.88 24.57 10.58
C ALA A 62 -14.25 25.48 11.65
N GLN A 63 -14.01 24.93 12.85
CA GLN A 63 -13.39 25.73 13.90
C GLN A 63 -11.95 26.11 13.52
N ILE A 64 -11.22 25.18 12.90
CA ILE A 64 -9.85 25.46 12.48
C ILE A 64 -9.82 26.48 11.35
N ASP A 65 -10.70 26.33 10.34
CA ASP A 65 -10.85 27.37 9.32
C ASP A 65 -11.07 28.74 9.96
N LYS A 66 -12.01 28.82 10.91
CA LYS A 66 -12.33 30.11 11.50
C LYS A 66 -11.16 30.67 12.31
N TRP A 67 -10.44 29.79 13.01
CA TRP A 67 -9.28 30.22 13.79
C TRP A 67 -8.24 30.90 12.92
N HIS A 68 -7.95 30.34 11.74
CA HIS A 68 -6.96 30.95 10.86
C HIS A 68 -7.50 32.25 10.26
N ARG A 69 -8.77 32.28 9.89
CA ARG A 69 -9.34 33.48 9.28
C ARG A 69 -9.45 34.63 10.27
N ARG A 70 -9.51 34.33 11.56
CA ARG A 70 -9.60 35.36 12.59
C ARG A 70 -8.24 35.95 12.95
N ARG A 71 -7.16 35.33 12.52
CA ARG A 71 -5.81 35.70 12.92
C ARG A 71 -5.14 36.54 11.84
N VAL A 72 -4.20 37.39 12.24
CA VAL A 72 -3.38 38.17 11.32
C VAL A 72 -1.92 38.06 11.71
N ILE A 73 -1.64 37.52 12.90
CA ILE A 73 -0.32 37.62 13.52
C ILE A 73 0.73 36.87 12.71
N GLU A 74 1.93 37.46 12.63
CA GLU A 74 3.21 37.04 12.03
C GLU A 74 3.26 35.54 11.66
N PRO A 75 4.14 34.63 12.21
CA PRO A 75 3.75 33.21 12.06
C PRO A 75 2.80 32.78 13.16
N ILE A 76 2.43 31.50 13.13
CA ILE A 76 1.50 30.96 14.11
C ILE A 76 2.19 30.93 15.47
N ASP A 77 1.56 31.57 16.46
CA ASP A 77 1.89 31.34 17.86
C ASP A 77 1.57 29.89 18.19
N MET A 78 2.61 29.05 18.24
CA MET A 78 2.41 27.62 18.47
C MET A 78 1.75 27.36 19.82
N ASP A 79 2.07 28.18 20.83
CA ASP A 79 1.47 27.99 22.13
C ASP A 79 -0.04 28.16 22.09
N ALA A 80 -0.52 29.22 21.42
CA ALA A 80 -1.95 29.46 21.34
C ALA A 80 -2.64 28.42 20.46
N TYR A 81 -1.95 27.97 19.40
CA TYR A 81 -2.52 27.00 18.47
C TYR A 81 -2.76 25.66 19.17
N ARG A 82 -1.76 25.19 19.91
CA ARG A 82 -1.92 23.97 20.72
C ARG A 82 -3.08 24.08 21.70
N GLN A 83 -3.14 25.19 22.44
CA GLN A 83 -4.24 25.37 23.39
C GLN A 83 -5.58 25.31 22.67
N PHE A 84 -5.67 25.93 21.50
CA PHE A 84 -6.88 25.89 20.70
C PHE A 84 -7.24 24.46 20.32
N LEU A 85 -6.29 23.71 19.74
CA LEU A 85 -6.57 22.33 19.34
C LEU A 85 -7.01 21.50 20.54
N THR A 86 -6.45 21.76 21.71
CA THR A 86 -6.83 21.03 22.92
C THR A 86 -8.26 21.34 23.34
N GLU A 87 -8.64 22.62 23.33
CA GLU A 87 -9.96 23.01 23.78
C GLU A 87 -11.06 22.42 22.90
N ILE A 88 -10.83 22.38 21.57
CA ILE A 88 -11.88 21.92 20.66
C ILE A 88 -11.95 20.40 20.56
N GLY A 89 -11.11 19.67 21.29
CA GLY A 89 -11.14 18.22 21.25
C GLY A 89 -10.35 17.58 20.12
N TYR A 90 -9.48 18.34 19.46
CA TYR A 90 -8.68 17.83 18.35
C TYR A 90 -7.44 17.13 18.88
N LEU A 91 -6.73 17.78 19.80
CA LEU A 91 -5.58 17.23 20.49
C LEU A 91 -6.07 16.61 21.80
N LEU A 92 -6.04 15.29 21.90
CA LEU A 92 -6.56 14.65 23.09
C LEU A 92 -5.43 14.28 24.03
N PRO A 93 -5.70 14.08 25.32
CA PRO A 93 -4.64 13.69 26.26
C PRO A 93 -3.96 12.39 25.81
N GLU A 94 -2.68 12.30 26.13
CA GLU A 94 -1.91 11.08 25.89
C GLU A 94 -2.25 10.04 26.96
N PRO A 95 -2.64 8.82 26.58
CA PRO A 95 -2.90 7.78 27.58
C PRO A 95 -1.62 7.29 28.23
N ASP A 96 -1.80 6.57 29.34
CA ASP A 96 -0.66 5.95 30.00
C ASP A 96 -0.05 4.87 29.11
N ASP A 97 1.22 4.56 29.36
CA ASP A 97 1.91 3.56 28.55
C ASP A 97 1.20 2.22 28.64
N PHE A 98 1.40 1.40 27.60
CA PHE A 98 0.72 0.12 27.52
C PHE A 98 1.45 -0.72 26.48
N THR A 99 1.11 -2.01 26.48
CA THR A 99 1.61 -2.95 25.48
C THR A 99 0.42 -3.59 24.78
N ILE A 100 0.50 -3.72 23.45
CA ILE A 100 -0.59 -4.34 22.71
C ILE A 100 -0.70 -5.81 23.09
N THR A 101 -1.91 -6.37 22.92
CA THR A 101 -2.22 -7.74 23.32
C THR A 101 -2.64 -8.61 22.14
N THR A 102 -2.54 -8.11 20.91
CA THR A 102 -2.95 -8.84 19.72
C THR A 102 -2.29 -10.21 19.65
N SER A 103 -3.11 -11.24 19.53
CA SER A 103 -2.59 -12.61 19.45
C SER A 103 -3.16 -13.31 18.22
N GLY A 104 -2.59 -14.48 17.92
CA GLY A 104 -3.04 -15.26 16.77
C GLY A 104 -2.57 -14.74 15.44
N VAL A 105 -1.42 -14.07 15.41
CA VAL A 105 -0.90 -13.43 14.20
C VAL A 105 0.26 -14.23 13.63
N ASP A 106 0.33 -14.29 12.30
CA ASP A 106 1.30 -15.09 11.58
C ASP A 106 2.69 -14.47 11.67
N ALA A 107 3.72 -15.32 11.56
CA ALA A 107 5.12 -14.90 11.71
C ALA A 107 5.51 -13.81 10.71
N GLU A 108 4.97 -13.86 9.49
CA GLU A 108 5.26 -12.84 8.47
C GLU A 108 4.98 -11.42 8.97
N ILE A 109 4.08 -11.27 9.94
CA ILE A 109 3.74 -9.96 10.49
C ILE A 109 4.44 -9.71 11.81
N THR A 110 4.42 -10.70 12.72
CA THR A 110 4.99 -10.47 14.05
C THR A 110 6.51 -10.38 14.00
N THR A 111 7.16 -11.07 13.07
CA THR A 111 8.58 -11.35 13.21
C THR A 111 9.42 -10.95 11.99
N THR A 112 8.96 -11.33 10.81
CA THR A 112 9.74 -11.15 9.60
C THR A 112 9.69 -9.68 9.17
N ALA A 113 10.87 -9.10 8.94
CA ALA A 113 10.97 -7.76 8.36
C ALA A 113 11.22 -7.90 6.86
N GLY A 114 10.47 -7.15 6.06
CA GLY A 114 10.66 -7.20 4.63
C GLY A 114 9.56 -6.47 3.88
N PRO A 115 9.70 -6.40 2.56
CA PRO A 115 8.79 -5.59 1.73
C PRO A 115 7.31 -5.98 1.85
N GLN A 116 6.44 -5.00 1.61
CA GLN A 116 4.99 -5.15 1.56
C GLN A 116 4.50 -4.57 0.25
N LEU A 117 3.86 -5.42 -0.57
CA LEU A 117 3.41 -5.04 -1.91
C LEU A 117 1.93 -4.65 -1.85
N VAL A 118 1.55 -3.61 -2.60
CA VAL A 118 0.16 -3.14 -2.66
C VAL A 118 -0.32 -3.23 -4.11
N VAL A 119 -1.48 -3.84 -4.34
CA VAL A 119 -1.95 -4.11 -5.70
C VAL A 119 -3.46 -3.88 -5.81
N PRO A 120 -3.97 -3.36 -6.93
CA PRO A 120 -5.42 -3.21 -7.09
C PRO A 120 -6.12 -4.56 -7.20
N VAL A 121 -7.10 -4.81 -6.33
CA VAL A 121 -7.76 -6.10 -6.29
C VAL A 121 -8.66 -6.32 -7.51
N LEU A 122 -9.03 -5.25 -8.23
CA LEU A 122 -9.89 -5.43 -9.40
C LEU A 122 -9.13 -5.95 -10.62
N ASN A 123 -7.80 -5.96 -10.58
CA ASN A 123 -6.99 -6.45 -11.69
C ASN A 123 -6.48 -7.84 -11.31
N ALA A 124 -7.17 -8.87 -11.81
CA ALA A 124 -6.87 -10.24 -11.38
C ALA A 124 -5.45 -10.63 -11.77
N ARG A 125 -4.97 -10.17 -12.93
CA ARG A 125 -3.62 -10.55 -13.34
C ARG A 125 -2.58 -9.94 -12.39
N PHE A 126 -2.71 -8.65 -12.08
CA PHE A 126 -1.77 -8.02 -11.15
C PHE A 126 -1.84 -8.66 -9.77
N ALA A 127 -3.06 -8.99 -9.31
CA ALA A 127 -3.21 -9.54 -7.97
C ALA A 127 -2.54 -10.92 -7.87
N LEU A 128 -2.70 -11.75 -8.90
CA LEU A 128 -2.00 -13.03 -8.92
C LEU A 128 -0.49 -12.84 -8.88
N ASN A 129 0.04 -11.96 -9.75
CA ASN A 129 1.48 -11.70 -9.73
C ASN A 129 1.94 -11.25 -8.37
N ALA A 130 1.11 -10.48 -7.65
CA ALA A 130 1.52 -9.95 -6.36
C ALA A 130 1.55 -11.03 -5.30
N ALA A 131 0.52 -11.88 -5.26
CA ALA A 131 0.52 -13.01 -4.35
C ALA A 131 1.68 -13.95 -4.64
N ASN A 132 2.01 -14.13 -5.92
CA ASN A 132 3.15 -14.98 -6.29
C ASN A 132 4.50 -14.30 -6.04
N ALA A 133 4.51 -12.99 -5.73
CA ALA A 133 5.75 -12.21 -5.59
C ALA A 133 6.50 -12.49 -4.30
N ARG A 134 6.02 -13.44 -3.48
CA ARG A 134 6.76 -13.85 -2.28
C ARG A 134 8.17 -14.32 -2.62
N TRP A 135 8.36 -14.83 -3.84
CA TRP A 135 9.66 -15.21 -4.36
C TRP A 135 9.86 -14.53 -5.70
N GLY A 136 11.06 -14.02 -5.93
CA GLY A 136 11.34 -13.28 -7.14
C GLY A 136 12.78 -13.43 -7.55
N SER A 137 13.02 -13.41 -8.86
CA SER A 137 14.35 -13.60 -9.42
C SER A 137 15.15 -12.31 -9.26
N LEU A 138 16.26 -12.37 -8.53
CA LEU A 138 17.16 -11.21 -8.45
C LEU A 138 17.81 -10.90 -9.80
N TYR A 139 18.17 -11.92 -10.59
CA TYR A 139 18.80 -11.67 -11.88
C TYR A 139 17.87 -10.89 -12.79
N ASP A 140 16.60 -11.32 -12.84
CA ASP A 140 15.60 -10.60 -13.63
C ASP A 140 15.46 -9.15 -13.16
N ALA A 141 15.39 -8.94 -11.84
CA ALA A 141 15.20 -7.60 -11.31
C ALA A 141 16.42 -6.70 -11.60
N LEU A 142 17.63 -7.28 -11.58
CA LEU A 142 18.82 -6.49 -11.89
C LEU A 142 18.98 -6.27 -13.39
N TYR A 143 18.79 -7.32 -14.19
CA TYR A 143 18.99 -7.20 -15.63
C TYR A 143 17.96 -6.28 -16.25
N GLY A 144 16.69 -6.37 -15.83
CA GLY A 144 15.64 -5.63 -16.49
C GLY A 144 15.40 -4.22 -16.03
N THR A 145 16.14 -3.71 -15.05
CA THR A 145 15.96 -2.35 -14.54
C THR A 145 17.27 -1.59 -14.65
N ASP A 146 17.25 -0.31 -14.23
CA ASP A 146 18.46 0.51 -14.27
C ASP A 146 19.37 0.32 -13.05
N VAL A 147 19.12 -0.69 -12.20
CA VAL A 147 20.05 -0.93 -11.10
C VAL A 147 21.44 -1.25 -11.65
N ILE A 148 21.52 -2.04 -12.72
CA ILE A 148 22.73 -2.16 -13.53
C ILE A 148 22.64 -1.09 -14.63
N PRO A 149 23.45 -0.04 -14.57
CA PRO A 149 23.27 1.05 -15.54
C PRO A 149 23.55 0.59 -16.97
N GLU A 150 22.82 1.18 -17.92
CA GLU A 150 22.96 0.84 -19.33
C GLU A 150 24.10 1.65 -19.97
N THR A 151 25.29 1.48 -19.42
CA THR A 151 26.46 2.16 -19.96
C THR A 151 26.88 1.50 -21.28
N ASP A 152 27.86 2.14 -21.93
CA ASP A 152 28.41 1.62 -23.18
C ASP A 152 28.78 0.15 -23.01
N GLY A 153 28.19 -0.70 -23.86
CA GLY A 153 28.45 -2.13 -23.83
C GLY A 153 27.53 -2.92 -22.91
N ALA A 154 26.85 -2.27 -21.97
CA ALA A 154 25.98 -2.96 -21.02
C ALA A 154 24.51 -2.70 -21.30
N GLU A 155 24.17 -2.30 -22.51
CA GLU A 155 22.82 -1.90 -22.82
C GLU A 155 21.91 -3.12 -22.94
N LYS A 156 20.63 -2.90 -22.70
CA LYS A 156 19.63 -3.91 -23.00
C LYS A 156 19.36 -3.89 -24.49
N GLY A 157 19.29 -5.08 -25.08
CA GLY A 157 18.94 -5.21 -26.47
C GLY A 157 17.77 -6.16 -26.63
N PRO A 158 17.50 -6.59 -27.86
CA PRO A 158 16.44 -7.58 -28.07
C PRO A 158 16.83 -8.95 -27.57
N THR A 159 18.13 -9.27 -27.52
CA THR A 159 18.64 -10.54 -27.03
C THR A 159 19.63 -10.30 -25.89
N TYR A 160 19.98 -11.41 -25.23
CA TYR A 160 20.83 -11.37 -24.05
C TYR A 160 22.17 -10.69 -24.33
N ASN A 161 22.51 -9.70 -23.49
CA ASN A 161 23.82 -9.04 -23.53
C ASN A 161 24.68 -9.65 -22.41
N LYS A 162 25.67 -10.45 -22.80
CA LYS A 162 26.48 -11.18 -21.81
C LYS A 162 27.30 -10.23 -20.93
N VAL A 163 27.70 -9.07 -21.45
CA VAL A 163 28.45 -8.11 -20.63
C VAL A 163 27.56 -7.58 -19.52
N ARG A 164 26.29 -7.34 -19.83
CA ARG A 164 25.32 -6.94 -18.82
C ARG A 164 25.03 -8.09 -17.86
N GLY A 165 24.81 -9.29 -18.40
CA GLY A 165 24.56 -10.45 -17.54
C GLY A 165 25.70 -10.69 -16.56
N ASP A 166 26.94 -10.52 -17.02
CA ASP A 166 28.08 -10.68 -16.11
C ASP A 166 28.05 -9.62 -15.01
N LYS A 167 27.64 -8.39 -15.34
CA LYS A 167 27.42 -7.37 -14.30
C LYS A 167 26.37 -7.81 -13.29
N VAL A 168 25.28 -8.42 -13.78
CA VAL A 168 24.23 -8.91 -12.88
C VAL A 168 24.79 -9.96 -11.94
N ILE A 169 25.51 -10.93 -12.52
CA ILE A 169 26.11 -12.02 -11.74
C ILE A 169 27.03 -11.46 -10.65
N ALA A 170 27.88 -10.49 -11.00
CA ALA A 170 28.83 -9.95 -10.03
C ALA A 170 28.13 -9.17 -8.93
N TYR A 171 27.07 -8.45 -9.27
CA TYR A 171 26.28 -7.77 -8.24
C TYR A 171 25.74 -8.77 -7.24
N ALA A 172 25.19 -9.88 -7.74
CA ALA A 172 24.57 -10.86 -6.88
C ALA A 172 25.61 -11.60 -6.04
N ARG A 173 26.79 -11.89 -6.59
CA ARG A 173 27.86 -12.49 -5.79
C ARG A 173 28.26 -11.57 -4.64
N LYS A 174 28.36 -10.27 -4.90
CA LYS A 174 28.65 -9.32 -3.82
C LYS A 174 27.57 -9.33 -2.76
N PHE A 175 26.30 -9.42 -3.18
CA PHE A 175 25.19 -9.52 -2.22
C PHE A 175 25.32 -10.76 -1.35
N LEU A 176 25.67 -11.91 -1.93
CA LEU A 176 25.86 -13.11 -1.14
C LEU A 176 27.01 -12.97 -0.16
N ASP A 177 28.13 -12.41 -0.62
CA ASP A 177 29.26 -12.19 0.29
C ASP A 177 28.86 -11.31 1.46
N ASP A 178 28.03 -10.31 1.22
CA ASP A 178 27.66 -9.40 2.30
C ASP A 178 26.58 -9.98 3.19
N SER A 179 25.73 -10.87 2.68
CA SER A 179 24.58 -11.38 3.42
C SER A 179 24.89 -12.69 4.15
N VAL A 180 25.57 -13.62 3.49
CA VAL A 180 25.84 -14.95 4.03
C VAL A 180 27.32 -15.23 3.81
N PRO A 181 28.20 -14.61 4.59
CA PRO A 181 29.64 -14.64 4.27
C PRO A 181 30.23 -16.03 4.44
N LEU A 182 31.20 -16.33 3.58
CA LEU A 182 31.96 -17.56 3.69
C LEU A 182 32.97 -17.46 4.83
N SER A 183 33.37 -18.62 5.35
CA SER A 183 34.42 -18.64 6.37
C SER A 183 35.69 -18.01 5.84
N SER A 184 36.07 -18.34 4.61
CA SER A 184 37.15 -17.63 3.92
C SER A 184 36.80 -17.59 2.44
N GLY A 185 37.30 -16.55 1.78
CA GLY A 185 37.08 -16.43 0.35
C GLY A 185 35.75 -15.79 0.01
N SER A 186 35.46 -15.78 -1.28
CA SER A 186 34.33 -15.05 -1.82
C SER A 186 33.45 -15.97 -2.66
N PHE A 187 32.15 -15.72 -2.61
CA PHE A 187 31.26 -16.40 -3.55
C PHE A 187 31.67 -16.14 -5.00
N GLY A 188 32.35 -15.03 -5.28
CA GLY A 188 32.78 -14.75 -6.64
C GLY A 188 33.68 -15.84 -7.21
N ASP A 189 34.38 -16.56 -6.33
CA ASP A 189 35.33 -17.59 -6.75
C ASP A 189 34.79 -19.01 -6.57
N ALA A 190 33.52 -19.16 -6.19
CA ALA A 190 32.96 -20.49 -5.98
C ALA A 190 32.95 -21.28 -7.29
N THR A 191 33.21 -22.58 -7.19
CA THR A 191 33.09 -23.49 -8.32
C THR A 191 32.05 -24.58 -8.13
N GLY A 192 31.45 -24.70 -6.95
CA GLY A 192 30.38 -25.67 -6.75
C GLY A 192 29.92 -25.69 -5.32
N PHE A 193 28.84 -26.44 -5.10
CA PHE A 193 28.20 -26.54 -3.80
C PHE A 193 27.86 -27.99 -3.50
N THR A 194 28.16 -28.43 -2.28
CA THR A 194 27.77 -29.75 -1.81
C THR A 194 27.28 -29.65 -0.38
N VAL A 195 26.42 -30.59 0.01
CA VAL A 195 25.92 -30.70 1.37
C VAL A 195 26.58 -31.92 2.01
N GLN A 196 27.34 -31.70 3.07
CA GLN A 196 28.15 -32.75 3.69
C GLN A 196 28.01 -32.68 5.20
N ASP A 197 27.59 -33.79 5.81
CA ASP A 197 27.35 -33.88 7.26
C ASP A 197 26.43 -32.75 7.71
N GLY A 198 25.35 -32.56 6.95
CA GLY A 198 24.38 -31.51 7.25
C GLY A 198 24.89 -30.09 7.11
N GLN A 199 26.04 -29.88 6.49
CA GLN A 199 26.61 -28.55 6.36
C GLN A 199 26.91 -28.24 4.90
N LEU A 200 26.86 -26.96 4.57
CA LEU A 200 27.14 -26.49 3.22
C LEU A 200 28.64 -26.34 3.02
N VAL A 201 29.13 -26.89 1.91
CA VAL A 201 30.54 -26.79 1.54
C VAL A 201 30.60 -26.11 0.18
N VAL A 202 31.32 -25.00 0.12
CA VAL A 202 31.48 -24.25 -1.12
C VAL A 202 32.89 -24.53 -1.66
N ALA A 203 32.95 -25.09 -2.86
CA ALA A 203 34.23 -25.36 -3.49
C ALA A 203 34.84 -24.05 -4.00
N LEU A 204 36.05 -23.77 -3.59
CA LEU A 204 36.86 -22.69 -4.13
C LEU A 204 37.90 -23.27 -5.07
N PRO A 205 38.58 -22.44 -5.88
CA PRO A 205 39.55 -23.00 -6.84
C PRO A 205 40.71 -23.70 -6.16
N ASP A 206 41.10 -23.24 -4.98
CA ASP A 206 42.22 -23.78 -4.21
C ASP A 206 41.76 -24.68 -3.07
N LYS A 207 40.81 -24.23 -2.28
CA LYS A 207 40.35 -24.89 -1.06
C LYS A 207 38.84 -25.12 -1.14
N SER A 208 38.29 -25.64 -0.06
CA SER A 208 36.86 -25.63 0.18
C SER A 208 36.59 -24.85 1.45
N THR A 209 35.36 -24.37 1.60
CA THR A 209 35.02 -23.58 2.77
C THR A 209 33.54 -23.75 3.08
N GLY A 210 33.20 -23.46 4.34
CA GLY A 210 31.82 -23.41 4.77
C GLY A 210 31.39 -21.99 5.05
N LEU A 211 30.16 -21.86 5.56
CA LEU A 211 29.65 -20.55 5.94
C LEU A 211 30.29 -20.07 7.22
N ALA A 212 30.55 -18.76 7.31
CA ALA A 212 31.00 -18.18 8.56
C ALA A 212 30.02 -18.50 9.68
N ASN A 213 28.72 -18.39 9.40
CA ASN A 213 27.67 -18.82 10.31
C ASN A 213 26.95 -20.00 9.69
N PRO A 214 27.30 -21.24 10.05
CA PRO A 214 26.64 -22.40 9.42
C PRO A 214 25.13 -22.43 9.60
N GLY A 215 24.60 -21.72 10.60
CA GLY A 215 23.16 -21.63 10.81
C GLY A 215 22.40 -20.93 9.71
N GLN A 216 23.08 -20.21 8.82
CA GLN A 216 22.41 -19.59 7.68
C GLN A 216 22.17 -20.55 6.53
N PHE A 217 22.65 -21.78 6.62
CA PHE A 217 22.29 -22.81 5.66
C PHE A 217 20.92 -23.36 6.04
N ALA A 218 19.92 -23.16 5.17
CA ALA A 218 18.54 -23.52 5.49
C ALA A 218 18.01 -24.73 4.75
N GLY A 219 18.70 -25.22 3.74
CA GLY A 219 18.22 -26.40 3.04
C GLY A 219 18.69 -26.40 1.59
N TYR A 220 18.19 -27.39 0.85
CA TYR A 220 18.62 -27.61 -0.51
C TYR A 220 17.57 -28.45 -1.23
N THR A 221 17.71 -28.51 -2.56
CA THR A 221 16.91 -29.43 -3.37
C THR A 221 17.87 -30.34 -4.13
N GLY A 222 17.35 -31.49 -4.58
CA GLY A 222 18.16 -32.48 -5.23
C GLY A 222 19.07 -33.21 -4.24
N ALA A 223 19.98 -33.99 -4.81
CA ALA A 223 20.91 -34.77 -4.00
C ALA A 223 21.87 -33.86 -3.26
N ALA A 224 22.19 -34.22 -2.00
CA ALA A 224 23.23 -33.50 -1.28
C ALA A 224 24.55 -33.53 -2.03
N GLU A 225 24.76 -34.58 -2.84
CA GLU A 225 26.00 -34.78 -3.58
C GLU A 225 26.19 -33.73 -4.67
N SER A 226 25.10 -33.33 -5.34
CA SER A 226 25.14 -32.27 -6.34
C SER A 226 23.77 -31.63 -6.37
N PRO A 227 23.52 -30.69 -5.44
CA PRO A 227 22.16 -30.15 -5.31
C PRO A 227 21.77 -29.29 -6.49
N THR A 228 20.46 -29.24 -6.74
CA THR A 228 19.94 -28.35 -7.77
C THR A 228 19.75 -26.94 -7.27
N SER A 229 19.67 -26.74 -5.96
CA SER A 229 19.64 -25.41 -5.38
C SER A 229 20.09 -25.50 -3.93
N VAL A 230 20.52 -24.36 -3.41
CA VAL A 230 20.94 -24.19 -2.02
C VAL A 230 20.13 -23.05 -1.42
N LEU A 231 19.52 -23.30 -0.26
CA LEU A 231 18.67 -22.34 0.43
C LEU A 231 19.42 -21.76 1.62
N LEU A 232 19.50 -20.44 1.67
CA LEU A 232 20.14 -19.71 2.76
C LEU A 232 19.11 -18.83 3.46
N ILE A 233 19.45 -18.36 4.67
CA ILE A 233 18.59 -17.46 5.41
C ILE A 233 19.46 -16.38 6.06
N ASN A 234 18.98 -15.13 5.98
CA ASN A 234 19.64 -14.01 6.61
C ASN A 234 18.58 -13.02 7.07
N HIS A 235 18.71 -12.55 8.31
CA HIS A 235 17.71 -11.66 8.92
C HIS A 235 16.30 -12.18 8.70
N GLY A 236 16.11 -13.50 8.80
CA GLY A 236 14.79 -14.09 8.69
C GLY A 236 14.24 -14.21 7.28
N LEU A 237 14.98 -13.79 6.25
CA LEU A 237 14.55 -13.81 4.85
C LEU A 237 15.39 -14.82 4.07
N HIS A 238 14.73 -15.58 3.21
CA HIS A 238 15.37 -16.67 2.49
C HIS A 238 16.00 -16.20 1.18
N ILE A 239 17.11 -16.85 0.83
CA ILE A 239 17.83 -16.68 -0.43
C ILE A 239 18.04 -18.06 -1.03
N GLU A 240 17.76 -18.21 -2.32
CA GLU A 240 17.92 -19.50 -2.97
C GLU A 240 18.83 -19.38 -4.18
N ILE A 241 19.96 -20.09 -4.14
CA ILE A 241 20.87 -20.16 -5.28
C ILE A 241 20.47 -21.34 -6.14
N LEU A 242 20.11 -21.08 -7.39
CA LEU A 242 19.71 -22.11 -8.34
C LEU A 242 20.91 -22.55 -9.17
N ILE A 243 21.12 -23.87 -9.24
CA ILE A 243 22.33 -24.45 -9.84
C ILE A 243 21.92 -25.25 -11.08
N ASP A 244 22.40 -24.82 -12.24
CA ASP A 244 22.06 -25.50 -13.48
C ASP A 244 23.05 -25.11 -14.57
N PRO A 245 24.11 -25.88 -14.76
CA PRO A 245 25.12 -25.55 -15.79
C PRO A 245 24.59 -25.64 -17.20
N GLU A 246 23.48 -26.32 -17.42
CA GLU A 246 22.92 -26.40 -18.76
C GLU A 246 22.06 -25.21 -19.13
N SER A 247 21.88 -24.24 -18.23
CA SER A 247 21.00 -23.12 -18.55
C SER A 247 21.77 -22.04 -19.32
N GLN A 248 21.01 -21.14 -19.92
CA GLN A 248 21.63 -20.07 -20.70
C GLN A 248 22.62 -19.28 -19.83
N VAL A 249 22.21 -18.94 -18.61
CA VAL A 249 23.08 -18.18 -17.72
C VAL A 249 24.06 -19.11 -17.00
N GLY A 250 23.60 -20.31 -16.61
CA GLY A 250 24.46 -21.21 -15.87
C GLY A 250 25.69 -21.64 -16.64
N THR A 251 25.60 -21.75 -17.97
CA THR A 251 26.76 -22.17 -18.75
C THR A 251 27.87 -21.12 -18.71
N THR A 252 27.52 -19.86 -18.49
CA THR A 252 28.53 -18.82 -18.41
C THR A 252 29.11 -18.65 -17.01
N ASP A 253 28.57 -19.34 -16.01
CA ASP A 253 28.88 -19.06 -14.61
C ASP A 253 29.93 -20.03 -14.07
N ARG A 254 30.83 -19.49 -13.24
CA ARG A 254 31.95 -20.27 -12.73
C ARG A 254 31.50 -21.45 -11.87
N ALA A 255 30.30 -21.38 -11.30
CA ALA A 255 29.80 -22.44 -10.44
C ALA A 255 28.53 -23.07 -10.99
N GLY A 256 28.13 -22.71 -12.20
CA GLY A 256 26.92 -23.22 -12.79
C GLY A 256 25.66 -22.56 -12.27
N VAL A 257 25.79 -21.44 -11.56
CA VAL A 257 24.63 -20.79 -10.96
C VAL A 257 23.76 -20.19 -12.06
N LYS A 258 22.46 -20.48 -12.00
CA LYS A 258 21.48 -20.02 -12.97
C LYS A 258 20.78 -18.74 -12.54
N ASP A 259 20.57 -18.55 -11.24
CA ASP A 259 19.82 -17.41 -10.73
C ASP A 259 20.00 -17.38 -9.22
N VAL A 260 19.66 -16.24 -8.64
CA VAL A 260 19.50 -16.10 -7.20
C VAL A 260 18.07 -15.64 -6.96
N ILE A 261 17.29 -16.42 -6.22
CA ILE A 261 15.89 -16.10 -5.91
C ILE A 261 15.83 -15.51 -4.51
N LEU A 262 15.16 -14.39 -4.36
CA LEU A 262 14.98 -13.76 -3.06
C LEU A 262 13.53 -13.92 -2.59
N GLU A 263 13.37 -14.26 -1.31
CA GLU A 263 12.10 -14.02 -0.64
C GLU A 263 11.84 -12.51 -0.60
N SER A 264 10.74 -12.08 -1.22
CA SER A 264 10.59 -10.68 -1.57
C SER A 264 9.37 -10.03 -0.92
N ALA A 265 8.20 -10.17 -1.55
CA ALA A 265 6.98 -9.61 -0.98
C ALA A 265 6.48 -10.56 0.09
N ILE A 266 6.91 -10.32 1.34
CA ILE A 266 6.51 -11.18 2.44
C ILE A 266 4.99 -11.13 2.62
N THR A 267 4.43 -9.93 2.54
CA THR A 267 2.99 -9.72 2.62
C THR A 267 2.56 -8.83 1.47
N THR A 268 1.28 -8.95 1.12
CA THR A 268 0.67 -8.18 0.03
C THR A 268 -0.67 -7.65 0.51
N ILE A 269 -0.95 -6.40 0.16
CA ILE A 269 -2.22 -5.76 0.48
C ILE A 269 -3.05 -5.76 -0.79
N MET A 270 -4.15 -6.52 -0.80
CA MET A 270 -5.09 -6.53 -1.92
C MET A 270 -6.05 -5.37 -1.73
N ASP A 271 -6.04 -4.39 -2.64
CA ASP A 271 -6.57 -3.06 -2.34
C ASP A 271 -7.96 -2.85 -2.95
N PHE A 272 -8.94 -2.55 -2.10
CA PHE A 272 -10.26 -2.04 -2.49
C PHE A 272 -10.35 -0.53 -2.45
N GLU A 273 -9.30 0.14 -1.98
CA GLU A 273 -9.39 1.58 -1.75
C GLU A 273 -8.69 2.37 -2.85
N ASP A 274 -7.59 3.08 -2.52
CA ASP A 274 -7.14 4.18 -3.37
C ASP A 274 -6.58 3.75 -4.72
N SER A 275 -6.24 2.48 -4.93
CA SER A 275 -5.75 2.06 -6.24
C SER A 275 -6.83 1.45 -7.13
N VAL A 276 -8.10 1.44 -6.74
CA VAL A 276 -9.13 0.91 -7.63
C VAL A 276 -10.26 1.91 -7.78
N ALA A 277 -11.00 1.76 -8.88
CA ALA A 277 -12.17 2.58 -9.17
C ALA A 277 -13.38 1.66 -9.15
N ALA A 278 -14.25 1.84 -8.16
CA ALA A 278 -15.37 0.93 -7.97
C ALA A 278 -16.52 1.76 -7.42
N VAL A 279 -17.52 2.04 -8.26
CA VAL A 279 -18.50 3.06 -7.96
C VAL A 279 -19.90 2.50 -7.87
N ASP A 280 -20.08 1.19 -8.04
CA ASP A 280 -21.40 0.59 -7.99
C ASP A 280 -21.25 -0.90 -7.66
N ALA A 281 -22.38 -1.62 -7.63
CA ALA A 281 -22.35 -3.02 -7.23
C ALA A 281 -21.58 -3.87 -8.24
N ALA A 282 -21.72 -3.57 -9.53
CA ALA A 282 -20.98 -4.32 -10.54
C ALA A 282 -19.48 -4.25 -10.30
N ASP A 283 -18.99 -3.05 -10.00
CA ASP A 283 -17.56 -2.89 -9.72
C ASP A 283 -17.15 -3.60 -8.43
N LYS A 284 -17.93 -3.42 -7.36
CA LYS A 284 -17.55 -4.05 -6.09
C LYS A 284 -17.55 -5.57 -6.24
N VAL A 285 -18.49 -6.13 -7.01
CA VAL A 285 -18.54 -7.60 -7.14
C VAL A 285 -17.31 -8.11 -7.90
N LEU A 286 -16.87 -7.38 -8.94
CA LEU A 286 -15.63 -7.77 -9.61
C LEU A 286 -14.48 -7.86 -8.62
N GLY A 287 -14.37 -6.88 -7.72
CA GLY A 287 -13.29 -6.93 -6.72
C GLY A 287 -13.49 -8.04 -5.70
N TYR A 288 -14.71 -8.16 -5.18
CA TYR A 288 -15.00 -9.20 -4.20
C TYR A 288 -14.72 -10.59 -4.78
N ARG A 289 -15.07 -10.80 -6.05
CA ARG A 289 -14.85 -12.10 -6.67
C ARG A 289 -13.36 -12.41 -6.81
N ASN A 290 -12.54 -11.41 -7.13
CA ASN A 290 -11.10 -11.63 -7.15
C ASN A 290 -10.58 -11.97 -5.75
N TRP A 291 -11.01 -11.20 -4.75
CA TRP A 291 -10.64 -11.48 -3.35
C TRP A 291 -11.06 -12.90 -2.96
N LEU A 292 -12.23 -13.35 -3.43
CA LEU A 292 -12.68 -14.71 -3.15
C LEU A 292 -11.79 -15.75 -3.82
N GLY A 293 -11.46 -15.55 -5.10
CA GLY A 293 -10.59 -16.48 -5.80
C GLY A 293 -9.21 -16.57 -5.18
N LEU A 294 -8.73 -15.45 -4.63
CA LEU A 294 -7.45 -15.47 -3.94
C LEU A 294 -7.52 -16.30 -2.67
N ASN A 295 -8.59 -16.13 -1.91
CA ASN A 295 -8.70 -16.86 -0.65
C ASN A 295 -9.06 -18.33 -0.87
N LYS A 296 -9.81 -18.66 -1.91
CA LYS A 296 -10.07 -20.06 -2.23
C LYS A 296 -8.91 -20.72 -2.98
N GLY A 297 -7.95 -19.95 -3.47
CA GLY A 297 -6.79 -20.48 -4.16
C GLY A 297 -6.96 -20.74 -5.64
N ASP A 298 -8.13 -20.47 -6.19
CA ASP A 298 -8.45 -20.88 -7.56
C ASP A 298 -8.60 -19.70 -8.52
N LEU A 299 -8.20 -18.50 -8.12
CA LEU A 299 -8.20 -17.41 -9.09
C LEU A 299 -7.24 -17.75 -10.24
N ALA A 300 -7.70 -17.54 -11.47
CA ALA A 300 -6.88 -17.79 -12.64
C ALA A 300 -7.24 -16.78 -13.71
N ALA A 301 -6.22 -16.20 -14.36
CA ALA A 301 -6.42 -15.06 -15.25
C ALA A 301 -5.90 -15.37 -16.65
N ALA A 302 -6.32 -14.52 -17.59
CA ALA A 302 -5.97 -14.61 -19.02
C ALA A 302 -4.52 -15.00 -19.28
N ARG A 312 -2.73 -18.11 -16.07
CA ARG A 312 -1.94 -17.69 -14.90
C ARG A 312 -2.65 -18.05 -13.60
N VAL A 313 -1.92 -18.70 -12.69
CA VAL A 313 -2.48 -19.25 -11.46
C VAL A 313 -1.59 -18.90 -10.28
N LEU A 314 -2.09 -19.20 -9.08
CA LEU A 314 -1.33 -19.03 -7.86
C LEU A 314 -0.33 -20.15 -7.69
N ASN A 315 0.86 -19.80 -7.19
CA ASN A 315 1.91 -20.78 -6.95
C ASN A 315 1.60 -21.64 -5.72
N ARG A 316 1.98 -22.90 -5.79
CA ARG A 316 1.93 -23.74 -4.60
C ARG A 316 3.21 -23.53 -3.78
N ASP A 317 3.23 -24.08 -2.58
CA ASP A 317 4.37 -23.93 -1.71
C ASP A 317 5.61 -24.61 -2.28
N ARG A 318 6.77 -24.23 -1.76
CA ARG A 318 8.06 -24.67 -2.27
C ARG A 318 8.62 -25.77 -1.37
N ASN A 319 9.12 -26.84 -1.99
CA ASN A 319 9.61 -27.99 -1.24
C ASN A 319 11.13 -27.98 -1.12
N TYR A 320 11.61 -28.27 0.09
CA TYR A 320 13.05 -28.34 0.36
C TYR A 320 13.38 -29.56 1.21
N THR A 321 14.67 -29.86 1.26
CA THR A 321 15.22 -30.80 2.23
C THR A 321 15.97 -30.01 3.29
N ALA A 322 15.75 -30.36 4.55
CA ALA A 322 16.45 -29.69 5.63
C ALA A 322 17.94 -30.07 5.61
N PRO A 323 18.80 -29.23 6.21
CA PRO A 323 20.24 -29.54 6.20
C PRO A 323 20.57 -30.91 6.76
N GLY A 324 19.84 -31.35 7.78
CA GLY A 324 20.07 -32.66 8.37
C GLY A 324 19.00 -33.66 7.98
N GLY A 325 18.47 -33.54 6.76
CA GLY A 325 17.45 -34.45 6.26
C GLY A 325 16.05 -34.14 6.76
N GLY A 326 15.07 -34.48 5.95
CA GLY A 326 13.70 -34.14 6.28
C GLY A 326 13.12 -33.17 5.27
N GLN A 327 11.93 -33.47 4.77
CA GLN A 327 11.27 -32.64 3.79
C GLN A 327 10.46 -31.56 4.49
N PHE A 328 10.60 -30.32 4.04
CA PHE A 328 9.76 -29.27 4.59
C PHE A 328 9.33 -28.34 3.46
N THR A 329 8.43 -27.44 3.83
CA THR A 329 7.75 -26.61 2.86
C THR A 329 7.90 -25.16 3.31
N LEU A 330 7.91 -24.25 2.34
CA LEU A 330 7.89 -22.82 2.59
C LEU A 330 6.73 -22.25 1.79
N PRO A 331 6.01 -21.26 2.31
CA PRO A 331 4.89 -20.68 1.57
C PRO A 331 5.36 -20.15 0.22
N GLY A 332 4.61 -20.50 -0.82
CA GLY A 332 4.90 -19.97 -2.13
C GLY A 332 4.22 -18.66 -2.43
N ARG A 333 3.43 -18.16 -1.47
CA ARG A 333 2.61 -16.98 -1.70
C ARG A 333 2.82 -15.96 -0.60
N SER A 334 2.61 -14.70 -0.95
CA SER A 334 2.65 -13.65 0.06
C SER A 334 1.43 -13.78 0.98
N LEU A 335 1.63 -13.45 2.26
CA LEU A 335 0.51 -13.44 3.19
C LEU A 335 -0.35 -12.22 2.90
N MET A 336 -1.65 -12.43 2.69
CA MET A 336 -2.51 -11.39 2.13
C MET A 336 -3.27 -10.62 3.20
N PHE A 337 -3.17 -9.29 3.15
CA PHE A 337 -4.11 -8.35 3.74
C PHE A 337 -5.14 -7.94 2.70
N VAL A 338 -6.26 -7.35 3.15
CA VAL A 338 -7.17 -6.64 2.26
C VAL A 338 -7.35 -5.23 2.81
N ARG A 339 -7.23 -4.20 1.95
CA ARG A 339 -7.48 -2.83 2.39
C ARG A 339 -8.92 -2.45 2.04
N ASN A 340 -9.77 -2.35 3.06
CA ASN A 340 -11.14 -1.89 2.91
C ASN A 340 -11.14 -0.39 2.63
N VAL A 341 -12.29 0.15 2.20
CA VAL A 341 -12.39 1.62 2.17
C VAL A 341 -12.64 2.11 3.60
N GLY A 342 -12.40 3.42 3.80
CA GLY A 342 -12.54 4.08 5.09
C GLY A 342 -13.98 4.49 5.34
N HIS A 343 -14.16 5.40 6.30
CA HIS A 343 -15.47 5.72 6.86
C HIS A 343 -16.31 6.67 6.01
N LEU A 344 -15.74 7.31 4.97
CA LEU A 344 -16.46 8.43 4.34
C LEU A 344 -17.58 7.99 3.41
N MET A 345 -17.28 7.15 2.42
CA MET A 345 -18.15 7.06 1.25
C MET A 345 -19.33 6.11 1.47
N THR A 346 -20.42 6.40 0.76
CA THR A 346 -21.49 5.42 0.60
C THR A 346 -21.41 4.86 -0.80
N ASN A 347 -22.22 3.83 -1.06
CA ASN A 347 -22.20 3.15 -2.35
C ASN A 347 -23.59 2.60 -2.61
N ASP A 348 -24.11 2.77 -3.81
CA ASP A 348 -25.49 2.35 -4.02
C ASP A 348 -25.63 0.85 -4.26
N ALA A 349 -24.55 0.06 -4.06
CA ALA A 349 -24.69 -1.40 -4.07
C ALA A 349 -25.80 -1.84 -3.14
N ILE A 350 -26.03 -1.08 -2.07
CA ILE A 350 -27.17 -1.27 -1.17
C ILE A 350 -27.73 0.10 -0.86
N VAL A 351 -29.05 0.22 -0.92
CA VAL A 351 -29.75 1.44 -0.53
C VAL A 351 -30.79 1.05 0.49
N ASP A 352 -31.23 2.01 1.31
CA ASP A 352 -32.30 1.68 2.22
C ASP A 352 -33.64 2.04 1.59
N THR A 353 -34.71 1.88 2.36
CA THR A 353 -36.05 2.04 1.79
C THR A 353 -36.31 3.47 1.35
N ASP A 354 -35.63 4.44 1.98
CA ASP A 354 -35.75 5.83 1.56
C ASP A 354 -34.85 6.16 0.37
N GLY A 355 -34.09 5.20 -0.14
CA GLY A 355 -33.18 5.44 -1.25
C GLY A 355 -31.79 5.89 -0.85
N SER A 356 -31.50 5.97 0.44
CA SER A 356 -30.18 6.38 0.91
C SER A 356 -29.17 5.27 0.67
N GLU A 357 -27.99 5.64 0.14
CA GLU A 357 -26.91 4.68 -0.04
C GLU A 357 -26.32 4.27 1.31
N VAL A 358 -25.85 3.03 1.38
CA VAL A 358 -25.27 2.47 2.59
C VAL A 358 -23.78 2.79 2.64
N PHE A 359 -23.27 2.99 3.85
CA PHE A 359 -21.83 3.23 4.05
C PHE A 359 -20.99 2.08 3.50
N GLU A 360 -20.00 2.43 2.68
CA GLU A 360 -19.21 1.43 1.97
C GLU A 360 -18.24 0.70 2.89
N GLY A 361 -17.65 1.38 3.89
CA GLY A 361 -16.77 0.69 4.81
C GLY A 361 -17.46 -0.40 5.61
N ILE A 362 -18.71 -0.15 6.02
CA ILE A 362 -19.46 -1.19 6.73
C ILE A 362 -19.67 -2.39 5.81
N MET A 363 -20.05 -2.15 4.55
CA MET A 363 -20.21 -3.24 3.59
C MET A 363 -18.89 -3.98 3.37
N ASP A 364 -17.78 -3.25 3.24
CA ASP A 364 -16.51 -3.93 2.99
C ASP A 364 -16.16 -4.86 4.15
N ALA A 365 -16.41 -4.42 5.38
CA ALA A 365 -16.13 -5.27 6.54
C ALA A 365 -16.93 -6.56 6.48
N LEU A 366 -18.24 -6.45 6.20
CA LEU A 366 -19.09 -7.62 6.10
C LEU A 366 -18.64 -8.55 4.97
N PHE A 367 -18.41 -8.00 3.78
CA PHE A 367 -18.17 -8.84 2.61
C PHE A 367 -16.72 -9.33 2.50
N THR A 368 -15.72 -8.45 2.70
CA THR A 368 -14.36 -8.97 2.65
C THR A 368 -14.07 -9.88 3.85
N GLY A 369 -14.72 -9.63 4.99
CA GLY A 369 -14.57 -10.52 6.14
C GLY A 369 -15.19 -11.89 5.90
N LEU A 370 -16.42 -11.92 5.38
CA LEU A 370 -17.02 -13.16 4.93
C LEU A 370 -16.11 -13.93 3.98
N ILE A 371 -15.68 -13.26 2.90
CA ILE A 371 -14.84 -13.91 1.89
C ILE A 371 -13.54 -14.44 2.50
N ALA A 372 -12.96 -13.69 3.44
CA ALA A 372 -11.68 -14.11 4.04
C ALA A 372 -11.77 -15.42 4.80
N ILE A 373 -12.97 -15.86 5.19
CA ILE A 373 -13.08 -17.15 5.87
C ILE A 373 -12.49 -18.26 5.00
N HIS A 374 -12.61 -18.13 3.68
CA HIS A 374 -12.07 -19.16 2.79
C HIS A 374 -10.56 -19.26 2.86
N GLY A 375 -9.88 -18.17 3.16
CA GLY A 375 -8.44 -18.29 3.30
C GLY A 375 -7.98 -18.86 4.61
N LEU A 376 -8.91 -19.18 5.51
CA LEU A 376 -8.60 -19.88 6.76
C LEU A 376 -8.78 -21.39 6.65
N LYS A 377 -9.11 -21.90 5.47
CA LYS A 377 -9.41 -23.31 5.34
C LYS A 377 -8.84 -23.84 4.03
N ALA A 378 -8.79 -25.17 3.95
CA ALA A 378 -8.15 -25.85 2.84
C ALA A 378 -8.70 -25.37 1.51
N SER A 379 -7.81 -24.93 0.63
CA SER A 379 -8.16 -24.79 -0.78
C SER A 379 -8.31 -26.16 -1.39
N ASP A 380 -9.37 -26.36 -2.16
CA ASP A 380 -9.41 -27.58 -2.95
C ASP A 380 -8.40 -27.51 -4.10
N VAL A 381 -7.98 -26.31 -4.49
CA VAL A 381 -6.92 -26.15 -5.49
C VAL A 381 -5.73 -25.41 -4.90
N GLY A 383 -5.46 -28.98 -1.67
CA GLY A 383 -4.22 -28.52 -1.08
C GLY A 383 -4.41 -27.68 0.18
N PRO A 384 -3.31 -27.34 0.85
CA PRO A 384 -3.40 -26.66 2.15
C PRO A 384 -4.06 -25.29 2.05
N LEU A 385 -4.53 -24.82 3.20
CA LEU A 385 -5.17 -23.52 3.32
C LEU A 385 -4.25 -22.41 2.81
N ILE A 386 -4.87 -21.36 2.31
CA ILE A 386 -4.19 -20.38 1.48
C ILE A 386 -3.44 -19.35 2.33
N ASN A 387 -4.11 -18.83 3.38
CA ASN A 387 -3.57 -17.62 4.00
C ASN A 387 -3.11 -17.85 5.44
N SER A 388 -3.88 -17.41 6.44
CA SER A 388 -3.40 -17.34 7.82
C SER A 388 -3.55 -18.71 8.50
N ARG A 389 -2.42 -19.35 8.81
CA ARG A 389 -2.50 -20.59 9.58
C ARG A 389 -2.82 -20.36 11.05
N THR A 390 -2.65 -19.14 11.55
CA THR A 390 -2.91 -18.85 12.95
C THR A 390 -4.32 -18.35 13.21
N GLY A 391 -5.15 -18.23 12.17
CA GLY A 391 -6.56 -17.97 12.33
C GLY A 391 -6.97 -16.51 12.30
N SER A 392 -6.18 -15.63 11.68
CA SER A 392 -6.52 -14.22 11.64
C SER A 392 -6.93 -13.79 10.23
N ILE A 393 -7.75 -12.74 10.18
CA ILE A 393 -8.14 -12.03 8.97
C ILE A 393 -7.55 -10.63 9.08
N TYR A 394 -6.79 -10.21 8.06
CA TYR A 394 -5.97 -9.00 8.14
C TYR A 394 -6.57 -7.90 7.27
N ILE A 395 -7.11 -6.87 7.91
CA ILE A 395 -7.80 -5.79 7.18
C ILE A 395 -7.06 -4.48 7.44
N VAL A 396 -6.63 -3.81 6.37
CA VAL A 396 -6.08 -2.48 6.47
C VAL A 396 -7.24 -1.48 6.46
N LYS A 397 -7.26 -0.59 7.44
CA LYS A 397 -8.34 0.39 7.52
C LYS A 397 -7.76 1.79 7.30
N PRO A 398 -8.04 2.42 6.17
CA PRO A 398 -7.40 3.70 5.84
C PRO A 398 -8.22 4.91 6.28
N LYS A 399 -7.56 6.07 6.25
CA LYS A 399 -8.20 7.39 6.38
C LYS A 399 -9.02 7.57 7.65
N MET A 400 -8.56 6.98 8.75
CA MET A 400 -9.20 7.24 10.04
C MET A 400 -8.66 8.52 10.68
N HIS A 401 -9.53 9.27 11.36
CA HIS A 401 -9.19 10.53 12.02
C HIS A 401 -9.37 10.36 13.52
N GLY A 402 -8.32 9.94 14.22
CA GLY A 402 -8.33 9.93 15.67
C GLY A 402 -8.95 8.70 16.31
N PRO A 403 -8.87 8.62 17.65
CA PRO A 403 -9.15 7.34 18.33
C PRO A 403 -10.62 6.92 18.37
N ALA A 404 -11.58 7.86 18.39
CA ALA A 404 -12.98 7.43 18.32
C ALA A 404 -13.25 6.70 17.01
N GLU A 405 -12.60 7.13 15.93
CA GLU A 405 -12.81 6.46 14.66
C GLU A 405 -12.17 5.07 14.65
N VAL A 406 -11.05 4.89 15.35
CA VAL A 406 -10.48 3.56 15.49
C VAL A 406 -11.38 2.67 16.33
N ALA A 407 -11.92 3.21 17.42
CA ALA A 407 -12.80 2.42 18.27
C ALA A 407 -14.05 2.00 17.50
N PHE A 408 -14.55 2.87 16.62
CA PHE A 408 -15.69 2.51 15.78
C PHE A 408 -15.34 1.33 14.88
N THR A 409 -14.17 1.38 14.22
CA THR A 409 -13.75 0.26 13.38
C THR A 409 -13.69 -1.03 14.20
N CYS A 410 -13.17 -0.95 15.43
CA CYS A 410 -13.11 -2.13 16.29
C CYS A 410 -14.50 -2.67 16.60
N GLU A 411 -15.45 -1.78 16.88
CA GLU A 411 -16.81 -2.24 17.16
C GLU A 411 -17.46 -2.82 15.93
N LEU A 412 -17.23 -2.20 14.76
CA LEU A 412 -17.72 -2.73 13.50
C LEU A 412 -17.20 -4.14 13.26
N PHE A 413 -15.90 -4.35 13.49
CA PHE A 413 -15.32 -5.68 13.32
C PHE A 413 -15.91 -6.67 14.32
N SER A 414 -16.07 -6.25 15.58
CA SER A 414 -16.70 -7.10 16.59
C SER A 414 -18.09 -7.54 16.16
N ARG A 415 -18.89 -6.60 15.64
CA ARG A 415 -20.24 -6.94 15.20
C ARG A 415 -20.22 -7.86 13.98
N VAL A 416 -19.25 -7.68 13.08
CA VAL A 416 -19.17 -8.54 11.90
C VAL A 416 -18.76 -9.95 12.28
N GLU A 417 -17.82 -10.06 13.22
CA GLU A 417 -17.42 -11.37 13.72
C GLU A 417 -18.62 -12.14 14.25
N ASP A 418 -19.51 -11.45 14.98
CA ASP A 418 -20.73 -12.06 15.48
CA ASP A 418 -20.72 -12.07 15.48
C ASP A 418 -21.61 -12.55 14.34
N VAL A 419 -21.82 -11.73 13.31
CA VAL A 419 -22.62 -12.15 12.17
C VAL A 419 -22.01 -13.39 11.51
N LEU A 420 -20.68 -13.44 11.43
CA LEU A 420 -20.01 -14.49 10.69
C LEU A 420 -19.74 -15.73 11.53
N GLY A 421 -20.09 -15.72 12.82
CA GLY A 421 -19.75 -16.83 13.69
C GLY A 421 -18.27 -16.95 13.99
N LEU A 422 -17.52 -15.90 13.82
CA LEU A 422 -16.09 -16.03 14.09
C LEU A 422 -15.78 -15.64 15.53
N PRO A 423 -14.69 -16.19 16.09
CA PRO A 423 -14.21 -15.72 17.39
C PRO A 423 -14.01 -14.21 17.38
N GLN A 424 -14.24 -13.59 18.53
CA GLN A 424 -13.91 -12.18 18.67
C GLN A 424 -12.42 -11.99 18.43
N ASN A 425 -12.08 -10.86 17.80
CA ASN A 425 -10.71 -10.44 17.47
C ASN A 425 -10.06 -11.29 16.38
N THR A 426 -10.83 -12.08 15.65
CA THR A 426 -10.31 -12.71 14.43
C THR A 426 -9.86 -11.64 13.44
N MET A 427 -10.67 -10.59 13.28
CA MET A 427 -10.44 -9.56 12.26
C MET A 427 -9.46 -8.53 12.82
N LYS A 428 -8.22 -8.60 12.37
CA LYS A 428 -7.15 -7.70 12.78
C LYS A 428 -7.14 -6.44 11.92
N ILE A 429 -6.50 -5.39 12.43
CA ILE A 429 -6.54 -4.07 11.80
CA ILE A 429 -6.53 -4.04 11.83
C ILE A 429 -5.12 -3.58 11.54
N GLY A 430 -4.84 -3.25 10.28
CA GLY A 430 -3.65 -2.51 9.93
C GLY A 430 -4.04 -1.05 9.91
N ILE A 431 -3.52 -0.27 10.86
CA ILE A 431 -3.93 1.13 11.02
C ILE A 431 -3.05 2.00 10.12
N MET A 432 -3.66 2.67 9.14
CA MET A 432 -2.95 3.71 8.41
C MET A 432 -2.87 4.95 9.29
N ASP A 433 -1.65 5.46 9.46
CA ASP A 433 -1.40 6.77 10.07
C ASP A 433 -1.24 7.70 8.89
N GLU A 434 -2.38 8.23 8.40
CA GLU A 434 -2.36 9.04 7.18
C GLU A 434 -3.29 10.25 7.27
N GLU A 435 -3.74 10.60 8.47
CA GLU A 435 -4.52 11.82 8.71
C GLU A 435 -4.00 12.49 9.98
N ARG A 436 -4.00 13.83 9.97
CA ARG A 436 -3.31 14.58 11.02
C ARG A 436 -3.88 14.31 12.40
N ARG A 437 -5.21 14.18 12.52
CA ARG A 437 -5.80 13.92 13.85
C ARG A 437 -5.49 12.52 14.36
N THR A 438 -5.07 11.60 13.48
CA THR A 438 -4.52 10.33 13.95
C THR A 438 -3.06 10.51 14.39
N THR A 439 -2.26 11.17 13.57
CA THR A 439 -0.85 11.41 13.90
C THR A 439 -0.70 11.97 15.32
N VAL A 440 -1.41 13.06 15.63
CA VAL A 440 -1.18 13.76 16.90
C VAL A 440 -1.84 13.04 18.07
N ASN A 441 -2.67 12.03 17.80
CA ASN A 441 -3.28 11.19 18.83
C ASN A 441 -2.90 9.72 18.65
N LEU A 442 -1.69 9.46 18.13
CA LEU A 442 -1.40 8.11 17.64
C LEU A 442 -1.41 7.07 18.76
N LYS A 443 -0.83 7.41 19.91
CA LYS A 443 -0.80 6.47 21.04
C LYS A 443 -2.21 6.05 21.42
N ALA A 444 -3.14 7.00 21.51
CA ALA A 444 -4.54 6.71 21.81
C ALA A 444 -5.20 5.89 20.71
N CYS A 445 -4.85 6.14 19.44
CA CYS A 445 -5.37 5.32 18.36
C CYS A 445 -4.92 3.86 18.50
N ILE A 446 -3.65 3.63 18.83
CA ILE A 446 -3.15 2.25 19.00
C ILE A 446 -3.84 1.59 20.19
N LYS A 447 -4.01 2.32 21.30
CA LYS A 447 -4.69 1.78 22.47
C LYS A 447 -6.12 1.38 22.17
N ALA A 448 -6.83 2.18 21.36
CA ALA A 448 -8.21 1.83 21.03
C ALA A 448 -8.30 0.54 20.24
N ALA A 449 -7.22 0.10 19.62
CA ALA A 449 -7.19 -1.16 18.88
C ALA A 449 -6.16 -2.13 19.47
N ALA A 450 -5.92 -2.05 20.78
CA ALA A 450 -4.77 -2.74 21.35
C ALA A 450 -4.86 -4.26 21.25
N ASP A 451 -6.04 -4.84 21.04
CA ASP A 451 -6.11 -6.29 20.89
C ASP A 451 -6.42 -6.72 19.46
N ARG A 452 -6.44 -5.77 18.50
CA ARG A 452 -6.61 -6.09 17.10
C ARG A 452 -5.50 -5.59 16.18
N VAL A 453 -4.63 -4.70 16.63
CA VAL A 453 -3.76 -4.01 15.68
C VAL A 453 -2.62 -4.94 15.27
N VAL A 454 -2.36 -5.02 13.96
CA VAL A 454 -1.23 -5.77 13.45
C VAL A 454 -0.21 -4.88 12.72
N PHE A 455 -0.57 -3.65 12.35
CA PHE A 455 0.50 -2.71 12.05
C PHE A 455 0.02 -1.28 12.21
N ILE A 456 1.00 -0.38 12.18
CA ILE A 456 0.77 1.03 11.87
C ILE A 456 1.64 1.34 10.66
N ASN A 457 1.16 2.22 9.80
CA ASN A 457 1.92 2.57 8.59
C ASN A 457 1.76 4.05 8.28
N THR A 458 2.88 4.72 7.96
CA THR A 458 2.83 6.14 7.58
C THR A 458 2.42 6.24 6.12
N GLY A 459 1.10 6.38 5.88
CA GLY A 459 0.64 6.67 4.54
C GLY A 459 0.90 8.14 4.22
N PHE A 460 2.13 8.45 3.82
CA PHE A 460 2.60 9.84 3.79
C PHE A 460 1.94 10.67 2.69
N LEU A 461 1.37 10.03 1.67
CA LEU A 461 0.74 10.80 0.60
C LEU A 461 -0.62 11.34 1.05
N ASP A 462 -1.51 10.47 1.54
CA ASP A 462 -2.73 10.96 2.18
C ASP A 462 -2.40 11.95 3.28
N ARG A 463 -1.39 11.64 4.10
CA ARG A 463 -1.08 12.53 5.23
C ARG A 463 -0.74 13.94 4.72
N THR A 464 -0.07 14.01 3.58
CA THR A 464 0.26 15.30 2.99
C THR A 464 -0.99 16.03 2.50
N GLY A 465 -1.92 15.30 1.86
CA GLY A 465 -3.19 15.91 1.49
C GLY A 465 -3.93 16.47 2.69
N ASP A 466 -3.98 15.70 3.79
CA ASP A 466 -4.65 16.17 4.99
C ASP A 466 -3.92 17.36 5.62
N GLU A 467 -2.59 17.38 5.55
CA GLU A 467 -1.83 18.53 6.04
C GLU A 467 -2.28 19.81 5.33
N ILE A 468 -2.37 19.76 4.00
CA ILE A 468 -2.77 20.94 3.21
C ILE A 468 -4.21 21.32 3.54
N HIS A 469 -5.12 20.35 3.54
CA HIS A 469 -6.53 20.73 3.73
C HIS A 469 -6.77 21.30 5.12
N THR A 470 -6.18 20.67 6.15
CA THR A 470 -6.45 21.12 7.52
C THR A 470 -6.06 22.57 7.71
N SER A 471 -4.95 23.00 7.11
CA SER A 471 -4.45 24.35 7.27
C SER A 471 -4.68 25.20 6.03
N MET A 472 -5.68 24.81 5.22
CA MET A 472 -5.98 25.48 3.97
C MET A 472 -6.07 27.00 4.13
N GLU A 473 -6.72 27.46 5.20
CA GLU A 473 -6.96 28.88 5.42
C GLU A 473 -5.75 29.60 6.04
N ALA A 474 -4.70 28.86 6.43
CA ALA A 474 -3.56 29.49 7.09
C ALA A 474 -2.70 30.29 6.13
N GLY A 475 -2.64 29.90 4.87
CA GLY A 475 -1.79 30.56 3.90
C GLY A 475 -1.34 29.65 2.77
N PRO A 476 -0.52 30.17 1.87
CA PRO A 476 0.00 29.35 0.78
C PRO A 476 1.02 28.34 1.30
N MET A 477 0.89 27.10 0.85
CA MET A 477 1.80 26.01 1.20
C MET A 477 3.01 25.96 0.26
N VAL A 478 4.06 25.28 0.73
CA VAL A 478 5.22 25.02 -0.10
C VAL A 478 4.84 24.11 -1.27
N ARG A 479 5.70 24.09 -2.28
CA ARG A 479 5.52 23.25 -3.45
C ARG A 479 5.45 21.77 -3.06
N LYS A 480 4.80 21.00 -3.94
CA LYS A 480 4.53 19.59 -3.66
C LYS A 480 5.79 18.81 -3.35
N GLY A 481 6.87 19.01 -4.13
CA GLY A 481 8.11 18.29 -3.90
C GLY A 481 8.84 18.72 -2.65
N THR A 482 8.65 19.96 -2.22
CA THR A 482 9.22 20.43 -0.96
C THR A 482 8.59 19.72 0.24
N MET A 483 7.31 19.33 0.13
CA MET A 483 6.59 18.72 1.24
C MET A 483 7.36 17.55 1.82
N LYS A 484 8.00 16.78 0.98
CA LYS A 484 8.64 15.57 1.39
C LYS A 484 9.75 15.73 2.40
N SER A 485 10.26 16.95 2.52
CA SER A 485 11.36 17.26 3.43
C SER A 485 10.97 18.29 4.48
N GLN A 486 9.69 18.58 4.64
CA GLN A 486 9.27 19.59 5.60
C GLN A 486 9.37 19.04 7.02
N PRO A 487 9.63 19.89 7.99
CA PRO A 487 9.71 19.44 9.40
C PRO A 487 8.52 18.60 9.85
N TRP A 488 7.28 18.96 9.49
CA TRP A 488 6.13 18.21 9.99
C TRP A 488 6.21 16.74 9.58
N ILE A 489 6.66 16.45 8.36
CA ILE A 489 6.61 15.07 7.89
C ILE A 489 7.77 14.24 8.44
N LEU A 490 8.93 14.85 8.66
CA LEU A 490 10.01 14.09 9.28
C LEU A 490 9.67 13.76 10.73
N ALA A 491 9.06 14.71 11.45
CA ALA A 491 8.57 14.42 12.79
C ALA A 491 7.49 13.34 12.77
N TYR A 492 6.55 13.41 11.82
CA TYR A 492 5.49 12.41 11.73
C TYR A 492 6.07 11.01 11.54
N GLU A 493 7.13 10.89 10.72
CA GLU A 493 7.72 9.57 10.45
C GLU A 493 8.38 9.00 11.70
N ASP A 494 9.18 9.80 12.42
CA ASP A 494 9.81 9.32 13.65
C ASP A 494 8.79 9.06 14.76
N HIS A 495 7.81 9.95 14.91
CA HIS A 495 6.76 9.80 15.91
C HIS A 495 6.01 8.48 15.73
N ASN A 496 5.74 8.10 14.48
CA ASN A 496 5.05 6.83 14.23
C ASN A 496 5.87 5.65 14.75
N VAL A 497 7.16 5.59 14.37
CA VAL A 497 8.03 4.51 14.85
C VAL A 497 8.08 4.51 16.38
N ASP A 498 8.28 5.69 16.97
CA ASP A 498 8.37 5.81 18.43
C ASP A 498 7.12 5.24 19.11
N ALA A 499 5.94 5.63 18.62
CA ALA A 499 4.70 5.14 19.21
C ALA A 499 4.58 3.62 19.08
N GLY A 500 4.90 3.09 17.89
CA GLY A 500 4.81 1.64 17.71
C GLY A 500 5.74 0.89 18.66
N LEU A 501 7.00 1.30 18.71
CA LEU A 501 7.95 0.59 19.56
C LEU A 501 7.58 0.69 21.04
N ALA A 502 7.07 1.86 21.46
CA ALA A 502 6.68 2.04 22.86
C ALA A 502 5.46 1.20 23.23
N ALA A 503 4.60 0.91 22.26
CA ALA A 503 3.46 0.02 22.48
C ALA A 503 3.82 -1.45 22.35
N GLY A 504 5.11 -1.77 22.25
CA GLY A 504 5.55 -3.16 22.18
C GLY A 504 5.44 -3.82 20.81
N PHE A 505 5.50 -3.05 19.72
CA PHE A 505 5.30 -3.64 18.40
C PHE A 505 6.42 -4.60 18.00
N SER A 506 7.64 -4.39 18.50
CA SER A 506 8.74 -5.28 18.18
C SER A 506 8.41 -6.72 18.57
N GLY A 507 8.37 -7.60 17.57
CA GLY A 507 8.02 -8.98 17.80
C GLY A 507 6.55 -9.28 17.87
N ARG A 508 5.68 -8.28 17.67
CA ARG A 508 4.23 -8.41 17.77
C ARG A 508 3.48 -7.86 16.57
N ALA A 509 3.96 -6.76 15.99
CA ALA A 509 3.21 -6.07 14.94
C ALA A 509 4.19 -5.34 14.04
N GLN A 510 3.72 -5.00 12.84
CA GLN A 510 4.58 -4.31 11.89
C GLN A 510 4.60 -2.82 12.16
N VAL A 511 5.76 -2.22 11.94
CA VAL A 511 5.91 -0.77 11.89
C VAL A 511 6.28 -0.46 10.45
N GLY A 512 5.40 0.20 9.72
CA GLY A 512 5.58 0.30 8.28
C GLY A 512 5.70 1.71 7.75
N LYS A 513 6.31 1.86 6.58
CA LYS A 513 6.45 3.16 5.95
C LYS A 513 6.00 3.06 4.49
N GLY A 514 6.07 4.18 3.77
CA GLY A 514 5.21 4.40 2.62
C GLY A 514 5.80 3.98 1.28
N MET A 515 5.03 4.30 0.23
CA MET A 515 5.21 3.74 -1.11
C MET A 515 6.30 4.47 -1.90
N TRP A 516 7.09 3.70 -2.63
CA TRP A 516 8.00 4.26 -3.65
C TRP A 516 7.24 4.37 -4.97
N THR A 517 7.05 5.59 -5.48
CA THR A 517 6.15 5.78 -6.61
C THR A 517 6.83 5.84 -7.97
N MET A 518 8.17 5.95 -8.02
CA MET A 518 8.88 6.09 -9.29
C MET A 518 9.21 4.69 -9.80
N THR A 519 8.25 4.13 -10.55
CA THR A 519 8.27 2.69 -10.83
C THR A 519 9.46 2.26 -11.68
N GLU A 520 10.05 3.18 -12.44
CA GLU A 520 11.18 2.83 -13.28
C GLU A 520 12.53 3.27 -12.71
N LEU A 521 12.54 4.06 -11.63
CA LEU A 521 13.81 4.53 -11.05
C LEU A 521 14.26 3.57 -9.95
N MET A 522 14.69 2.38 -10.37
CA MET A 522 15.02 1.33 -9.42
C MET A 522 16.43 1.49 -8.84
N ALA A 523 17.36 2.03 -9.63
CA ALA A 523 18.65 2.40 -9.08
C ALA A 523 18.47 3.40 -7.94
N ASP A 524 17.64 4.41 -8.16
CA ASP A 524 17.37 5.38 -7.09
C ASP A 524 16.67 4.72 -5.91
N MET A 525 15.72 3.82 -6.17
CA MET A 525 15.06 3.14 -5.05
C MET A 525 16.05 2.33 -4.22
N VAL A 526 16.94 1.59 -4.88
CA VAL A 526 17.91 0.78 -4.13
C VAL A 526 18.88 1.68 -3.37
N GLU A 527 19.18 2.85 -3.92
CA GLU A 527 20.08 3.77 -3.24
C GLU A 527 19.42 4.43 -2.02
N THR A 528 18.15 4.80 -2.10
CA THR A 528 17.54 5.69 -1.11
CA THR A 528 17.62 5.66 -1.04
C THR A 528 16.58 5.01 -0.14
N LYS A 529 15.80 4.01 -0.60
CA LYS A 529 14.75 3.45 0.24
C LYS A 529 15.30 2.65 1.43
N ILE A 530 16.60 2.36 1.44
CA ILE A 530 17.22 1.77 2.62
C ILE A 530 17.02 2.63 3.85
N ALA A 531 16.67 3.92 3.67
CA ALA A 531 16.38 4.80 4.79
C ALA A 531 15.25 4.26 5.67
N GLN A 532 14.29 3.55 5.08
CA GLN A 532 13.13 3.14 5.87
C GLN A 532 13.47 2.03 6.86
N PRO A 533 14.05 0.89 6.46
CA PRO A 533 14.51 -0.06 7.51
C PRO A 533 15.57 0.54 8.44
N ARG A 534 16.41 1.46 7.97
CA ARG A 534 17.37 2.10 8.87
C ARG A 534 16.67 2.93 9.94
N ALA A 535 15.45 3.38 9.68
CA ALA A 535 14.67 4.13 10.65
C ALA A 535 13.83 3.22 11.53
N GLY A 536 14.01 1.90 11.42
CA GLY A 536 13.34 0.95 12.26
C GLY A 536 12.01 0.45 11.75
N ALA A 537 11.69 0.68 10.47
CA ALA A 537 10.47 0.11 9.89
C ALA A 537 10.68 -1.36 9.56
N SER A 538 9.79 -2.22 10.08
CA SER A 538 9.91 -3.63 9.71
C SER A 538 9.28 -3.95 8.37
N THR A 539 8.61 -2.99 7.74
CA THR A 539 8.14 -3.15 6.38
C THR A 539 7.96 -1.79 5.73
N ALA A 540 7.92 -1.79 4.40
CA ALA A 540 7.60 -0.59 3.65
C ALA A 540 7.04 -0.97 2.29
N TRP A 541 6.33 -0.04 1.68
CA TRP A 541 5.48 -0.36 0.54
C TRP A 541 6.24 -0.24 -0.77
N VAL A 542 6.04 -1.23 -1.64
CA VAL A 542 6.60 -1.24 -2.99
C VAL A 542 5.48 -1.36 -4.03
N PRO A 543 5.72 -0.88 -5.25
CA PRO A 543 4.66 -0.87 -6.28
C PRO A 543 4.59 -2.09 -7.18
N SER A 544 5.56 -3.00 -7.15
CA SER A 544 5.61 -4.06 -8.15
C SER A 544 6.38 -5.25 -7.58
N PRO A 545 6.16 -6.46 -8.11
CA PRO A 545 7.02 -7.58 -7.69
C PRO A 545 8.50 -7.30 -7.90
N THR A 546 8.86 -6.65 -9.00
CA THR A 546 10.28 -6.32 -9.22
C THR A 546 10.80 -5.45 -8.10
N ALA A 547 10.04 -4.41 -7.71
CA ALA A 547 10.53 -3.53 -6.67
C ALA A 547 10.54 -4.23 -5.31
N ALA A 548 9.66 -5.22 -5.12
CA ALA A 548 9.71 -6.04 -3.91
C ALA A 548 11.04 -6.79 -3.80
N THR A 549 11.48 -7.40 -4.91
CA THR A 549 12.74 -8.15 -4.89
C THR A 549 13.93 -7.24 -4.61
N LEU A 550 13.93 -6.05 -5.22
CA LEU A 550 15.03 -5.11 -5.02
C LEU A 550 15.01 -4.48 -3.63
N HIS A 551 13.83 -4.21 -3.08
CA HIS A 551 13.77 -3.65 -1.74
C HIS A 551 14.12 -4.69 -0.70
N ALA A 552 13.92 -5.98 -1.02
CA ALA A 552 14.38 -7.06 -0.14
C ALA A 552 15.87 -6.92 0.18
N LEU A 553 16.68 -6.52 -0.80
CA LEU A 553 18.10 -6.26 -0.57
C LEU A 553 18.34 -5.41 0.68
N HIS A 554 17.49 -4.41 0.93
CA HIS A 554 17.69 -3.51 2.04
C HIS A 554 17.59 -4.21 3.39
N TYR A 555 16.71 -5.21 3.51
CA TYR A 555 16.53 -5.92 4.77
C TYR A 555 17.65 -6.92 5.03
N HIS A 556 18.41 -7.26 3.99
CA HIS A 556 19.60 -8.08 4.21
C HIS A 556 20.77 -7.23 4.68
N GLN A 557 20.76 -5.94 4.36
CA GLN A 557 21.82 -5.03 4.80
C GLN A 557 21.55 -4.47 6.18
N VAL A 558 20.29 -4.22 6.50
CA VAL A 558 19.88 -3.58 7.75
C VAL A 558 19.24 -4.63 8.65
N ASP A 559 19.74 -4.72 9.89
CA ASP A 559 19.17 -5.60 10.92
C ASP A 559 18.04 -4.83 11.61
N VAL A 560 16.84 -4.89 11.04
CA VAL A 560 15.73 -4.08 11.56
C VAL A 560 15.45 -4.41 13.03
N ALA A 561 15.54 -5.69 13.40
CA ALA A 561 15.32 -6.04 14.81
C ALA A 561 16.31 -5.30 15.72
N ALA A 562 17.59 -5.29 15.33
CA ALA A 562 18.60 -4.56 16.10
C ALA A 562 18.31 -3.07 16.13
N VAL A 563 17.92 -2.49 14.99
CA VAL A 563 17.63 -1.05 14.95
C VAL A 563 16.51 -0.71 15.91
N GLN A 564 15.43 -1.50 15.88
CA GLN A 564 14.29 -1.24 16.76
C GLN A 564 14.68 -1.33 18.23
N GLN A 565 15.48 -2.33 18.60
CA GLN A 565 15.95 -2.40 19.98
C GLN A 565 16.76 -1.17 20.35
N GLY A 566 17.55 -0.65 19.40
CA GLY A 566 18.32 0.56 19.66
C GLY A 566 17.48 1.81 19.77
N LEU A 567 16.26 1.79 19.25
CA LEU A 567 15.37 2.95 19.32
C LEU A 567 14.48 2.96 20.55
N ALA A 568 14.49 1.89 21.34
CA ALA A 568 13.53 1.75 22.43
C ALA A 568 13.66 2.89 23.45
N GLY A 569 12.51 3.47 23.81
CA GLY A 569 12.47 4.49 24.83
C GLY A 569 12.75 5.89 24.36
N LYS A 570 13.28 6.07 23.15
CA LYS A 570 13.60 7.38 22.65
C LYS A 570 12.34 8.10 22.18
N ARG A 571 12.31 9.40 22.36
CA ARG A 571 11.16 10.19 21.90
C ARG A 571 11.73 11.36 21.11
N ARG A 572 11.62 11.25 19.79
CA ARG A 572 12.41 12.05 18.84
C ARG A 572 11.59 13.12 18.14
N ALA A 573 10.30 13.24 18.42
CA ALA A 573 9.44 14.22 17.81
C ALA A 573 8.61 14.90 18.89
N THR A 574 8.55 16.22 18.87
CA THR A 574 7.68 16.93 19.80
C THR A 574 6.35 17.22 19.12
N ILE A 575 5.35 17.56 19.94
CA ILE A 575 4.05 17.97 19.38
C ILE A 575 4.20 19.25 18.57
N GLU A 576 5.10 20.16 18.99
CA GLU A 576 5.32 21.38 18.22
C GLU A 576 5.82 21.07 16.83
N GLN A 577 6.73 20.10 16.70
CA GLN A 577 7.24 19.69 15.39
C GLN A 577 6.12 19.11 14.54
N LEU A 578 5.34 18.18 15.11
CA LEU A 578 4.22 17.58 14.38
C LEU A 578 3.25 18.64 13.86
N LEU A 579 3.09 19.73 14.61
CA LEU A 579 2.11 20.76 14.28
C LEU A 579 2.71 21.91 13.47
N THR A 580 3.91 21.73 12.91
CA THR A 580 4.55 22.81 12.15
C THR A 580 3.96 22.84 10.74
N ILE A 581 3.05 23.77 10.51
CA ILE A 581 2.30 23.86 9.23
C ILE A 581 3.27 24.26 8.12
N PRO A 582 3.24 23.57 6.92
CA PRO A 582 4.23 23.82 5.85
C PRO A 582 3.92 25.06 5.01
N LEU A 583 3.79 26.20 5.66
CA LEU A 583 3.54 27.45 4.96
C LEU A 583 4.78 27.93 4.22
N ALA A 584 4.58 28.46 3.02
CA ALA A 584 5.68 29.03 2.25
C ALA A 584 6.11 30.37 2.86
N LYS A 585 7.37 30.71 2.65
CA LYS A 585 7.92 31.94 3.17
C LYS A 585 7.62 33.12 2.22
N GLU A 586 8.03 34.29 2.67
CA GLU A 586 7.92 35.51 1.87
C GLU A 586 8.68 35.35 0.54
N LEU A 587 8.00 35.66 -0.56
CA LEU A 587 8.62 35.71 -1.90
C LEU A 587 9.36 34.42 -2.25
N ALA A 588 8.71 33.28 -2.00
CA ALA A 588 9.42 32.02 -2.15
C ALA A 588 9.73 31.67 -3.60
N TRP A 589 8.95 32.16 -4.57
CA TRP A 589 9.01 31.61 -5.92
C TRP A 589 9.08 32.68 -6.99
N ALA A 590 9.87 32.38 -8.02
CA ALA A 590 9.88 33.11 -9.28
C ALA A 590 8.68 32.72 -10.12
N PRO A 591 8.34 33.52 -11.14
CA PRO A 591 7.22 33.16 -12.02
C PRO A 591 7.38 31.82 -12.72
N ASP A 592 8.60 31.47 -13.12
CA ASP A 592 8.79 30.21 -13.83
C ASP A 592 8.60 29.01 -12.89
N GLU A 593 8.98 29.17 -11.62
CA GLU A 593 8.77 28.10 -10.67
C GLU A 593 7.28 27.90 -10.38
N ILE A 594 6.51 28.99 -10.31
CA ILE A 594 5.06 28.86 -10.08
C ILE A 594 4.41 28.14 -11.26
N ARG A 595 4.80 28.52 -12.48
CA ARG A 595 4.26 27.88 -13.67
C ARG A 595 4.62 26.39 -13.72
N GLU A 596 5.87 26.04 -13.39
CA GLU A 596 6.25 24.62 -13.40
C GLU A 596 5.40 23.81 -12.44
N GLU A 597 5.14 24.37 -11.26
CA GLU A 597 4.34 23.67 -10.26
C GLU A 597 2.90 23.46 -10.75
N VAL A 598 2.30 24.49 -11.34
CA VAL A 598 0.94 24.35 -11.84
C VAL A 598 0.90 23.32 -12.97
N ASP A 599 1.82 23.43 -13.94
CA ASP A 599 1.84 22.51 -15.06
C ASP A 599 2.05 21.07 -14.58
N ASN A 600 2.98 20.88 -13.64
CA ASN A 600 3.25 19.53 -13.16
C ASN A 600 2.02 18.95 -12.48
N ASN A 601 1.39 19.73 -11.60
CA ASN A 601 0.21 19.24 -10.89
C ASN A 601 -0.95 18.99 -11.85
N CYS A 602 -1.17 19.90 -12.82
CA CYS A 602 -2.28 19.68 -13.75
C CYS A 602 -2.08 18.43 -14.60
N GLN A 603 -0.85 18.18 -15.06
CA GLN A 603 -0.61 16.99 -15.87
C GLN A 603 -0.83 15.72 -15.06
N SER A 604 -0.35 15.69 -13.82
CA SER A 604 -0.54 14.52 -12.97
CA SER A 604 -0.55 14.50 -13.00
C SER A 604 -2.03 14.30 -12.69
N ILE A 605 -2.77 15.38 -12.44
CA ILE A 605 -4.21 15.25 -12.19
C ILE A 605 -4.91 14.71 -13.44
N LEU A 606 -4.62 15.33 -14.59
CA LEU A 606 -5.29 14.92 -15.83
C LEU A 606 -4.93 13.49 -16.23
N GLY A 607 -3.65 13.14 -16.16
CA GLY A 607 -3.25 11.80 -16.58
C GLY A 607 -3.87 10.73 -15.72
N TYR A 608 -4.07 11.02 -14.43
CA TYR A 608 -4.69 10.04 -13.55
C TYR A 608 -6.21 10.00 -13.74
N VAL A 609 -6.85 11.17 -13.78
CA VAL A 609 -8.30 11.23 -13.73
C VAL A 609 -8.93 10.73 -15.04
N VAL A 610 -8.25 10.94 -16.17
CA VAL A 610 -8.85 10.55 -17.45
C VAL A 610 -9.01 9.03 -17.54
N ARG A 611 -8.04 8.28 -17.01
CA ARG A 611 -8.19 6.83 -16.98
C ARG A 611 -9.15 6.37 -15.89
N TRP A 612 -9.25 7.14 -14.79
CA TRP A 612 -10.21 6.83 -13.73
C TRP A 612 -11.64 6.95 -14.23
N VAL A 613 -11.97 8.12 -14.80
CA VAL A 613 -13.35 8.43 -15.11
C VAL A 613 -13.80 7.68 -16.37
N ASP A 614 -12.95 7.64 -17.40
CA ASP A 614 -13.37 7.07 -18.68
C ASP A 614 -13.20 5.56 -18.76
N GLN A 615 -12.29 4.98 -17.98
CA GLN A 615 -11.99 3.56 -18.10
C GLN A 615 -12.04 2.81 -16.77
N GLY A 616 -12.31 3.49 -15.66
CA GLY A 616 -12.42 2.80 -14.40
C GLY A 616 -11.13 2.23 -13.88
N VAL A 617 -10.00 2.86 -14.19
CA VAL A 617 -8.68 2.41 -13.76
C VAL A 617 -8.26 3.28 -12.58
N GLY A 618 -8.03 2.65 -11.43
CA GLY A 618 -7.76 3.34 -10.18
C GLY A 618 -6.31 3.60 -9.88
N ALA A 619 -5.40 3.09 -10.72
CA ALA A 619 -3.98 3.37 -10.57
C ALA A 619 -3.34 3.29 -11.94
N SER A 620 -2.54 4.31 -12.29
CA SER A 620 -1.92 4.42 -13.60
C SER A 620 -0.54 5.04 -13.46
N LYS A 621 0.40 4.54 -14.26
CA LYS A 621 1.68 5.22 -14.45
C LYS A 621 1.46 6.45 -15.31
N VAL A 622 1.75 7.62 -14.76
CA VAL A 622 1.58 8.89 -15.44
C VAL A 622 2.93 9.61 -15.43
N PRO A 623 3.53 9.89 -16.59
CA PRO A 623 4.78 10.64 -16.59
C PRO A 623 4.53 12.08 -16.15
N ASP A 624 5.39 12.58 -15.28
CA ASP A 624 5.27 13.94 -14.80
C ASP A 624 5.97 14.90 -15.78
N ILE A 625 6.04 16.18 -15.42
CA ILE A 625 6.60 17.22 -16.28
C ILE A 625 8.07 16.95 -16.62
N HIS A 626 8.76 16.12 -15.84
CA HIS A 626 10.12 15.72 -16.13
C HIS A 626 10.21 14.36 -16.79
N ASP A 627 9.08 13.80 -17.23
CA ASP A 627 8.98 12.50 -17.87
C ASP A 627 9.37 11.33 -16.97
N VAL A 628 9.27 11.52 -15.65
CA VAL A 628 9.44 10.41 -14.71
C VAL A 628 8.11 9.70 -14.54
N ALA A 629 8.11 8.39 -14.76
CA ALA A 629 6.88 7.61 -14.62
C ALA A 629 6.54 7.44 -13.14
N LEU A 630 5.38 7.97 -12.74
CA LEU A 630 4.93 7.90 -11.35
C LEU A 630 3.67 7.04 -11.28
N MET A 631 3.59 6.19 -10.26
CA MET A 631 2.36 5.44 -10.01
CA MET A 631 2.36 5.44 -10.00
C MET A 631 1.38 6.36 -9.28
N GLU A 632 0.31 6.74 -9.96
CA GLU A 632 -0.68 7.64 -9.40
C GLU A 632 -1.84 6.85 -8.82
N ASP A 633 -2.32 7.29 -7.66
CA ASP A 633 -3.55 6.77 -7.05
CA ASP A 633 -3.58 6.78 -7.12
C ASP A 633 -4.28 7.95 -6.43
N ARG A 634 -5.37 7.67 -5.71
CA ARG A 634 -6.17 8.79 -5.22
C ARG A 634 -5.38 9.71 -4.28
N ALA A 635 -4.42 9.16 -3.53
CA ALA A 635 -3.70 9.99 -2.56
C ALA A 635 -2.81 11.01 -3.26
N THR A 636 -2.10 10.59 -4.32
CA THR A 636 -1.30 11.57 -5.05
C THR A 636 -2.20 12.63 -5.69
N LEU A 637 -3.40 12.22 -6.14
CA LEU A 637 -4.38 13.18 -6.64
C LEU A 637 -4.84 14.13 -5.54
N ARG A 638 -5.07 13.60 -4.33
CA ARG A 638 -5.45 14.47 -3.22
CA ARG A 638 -5.45 14.46 -3.21
C ARG A 638 -4.42 15.57 -2.98
N ILE A 639 -3.13 15.22 -3.06
CA ILE A 639 -2.10 16.23 -2.87
C ILE A 639 -2.18 17.30 -3.95
N SER A 640 -2.17 16.87 -5.22
CA SER A 640 -2.04 17.81 -6.34
C SER A 640 -3.23 18.76 -6.40
N SER A 641 -4.44 18.23 -6.25
CA SER A 641 -5.63 19.06 -6.29
C SER A 641 -5.70 19.98 -5.09
N GLN A 642 -5.33 19.49 -3.91
CA GLN A 642 -5.37 20.34 -2.72
C GLN A 642 -4.33 21.46 -2.81
N LEU A 643 -3.13 21.15 -3.31
CA LEU A 643 -2.11 22.19 -3.43
C LEU A 643 -2.55 23.29 -4.38
N LEU A 644 -3.11 22.91 -5.54
CA LEU A 644 -3.59 23.92 -6.47
C LEU A 644 -4.77 24.68 -5.88
N ALA A 645 -5.70 23.98 -5.21
CA ALA A 645 -6.78 24.68 -4.53
C ALA A 645 -6.24 25.69 -3.52
N ASN A 646 -5.17 25.32 -2.80
CA ASN A 646 -4.58 26.24 -1.82
C ASN A 646 -3.91 27.43 -2.49
N TRP A 647 -3.15 27.19 -3.57
CA TRP A 647 -2.52 28.30 -4.29
C TRP A 647 -3.58 29.26 -4.87
N LEU A 648 -4.69 28.70 -5.38
CA LEU A 648 -5.77 29.54 -5.89
C LEU A 648 -6.46 30.30 -4.75
N ARG A 649 -6.60 29.66 -3.59
CA ARG A 649 -7.25 30.30 -2.45
C ARG A 649 -6.48 31.52 -1.97
N HIS A 650 -5.16 31.51 -2.09
CA HIS A 650 -4.35 32.57 -1.50
C HIS A 650 -3.68 33.46 -2.54
N GLY A 651 -4.14 33.41 -3.79
CA GLY A 651 -3.69 34.38 -4.76
C GLY A 651 -2.32 34.13 -5.34
N VAL A 652 -1.77 32.92 -5.17
CA VAL A 652 -0.50 32.59 -5.82
C VAL A 652 -0.70 32.49 -7.31
N ILE A 653 -1.84 31.97 -7.76
CA ILE A 653 -2.19 31.80 -9.16
C ILE A 653 -3.64 32.27 -9.34
N THR A 654 -3.99 32.52 -10.60
CA THR A 654 -5.34 32.95 -10.96
C THR A 654 -6.13 31.77 -11.53
N SER A 655 -7.44 32.00 -11.69
CA SER A 655 -8.25 30.96 -12.31
C SER A 655 -7.93 30.79 -13.79
N ALA A 656 -7.43 31.85 -14.43
CA ALA A 656 -6.96 31.72 -15.81
C ALA A 656 -5.70 30.86 -15.88
N ASP A 657 -4.80 30.99 -14.89
CA ASP A 657 -3.61 30.13 -14.85
C ASP A 657 -4.01 28.66 -14.81
N VAL A 658 -4.97 28.32 -13.95
CA VAL A 658 -5.43 26.94 -13.82
C VAL A 658 -6.02 26.44 -15.14
N ARG A 659 -6.93 27.22 -15.72
CA ARG A 659 -7.58 26.78 -16.95
C ARG A 659 -6.56 26.61 -18.06
N ALA A 660 -5.62 27.55 -18.19
CA ALA A 660 -4.60 27.48 -19.24
C ALA A 660 -3.72 26.26 -19.08
N SER A 661 -3.36 25.93 -17.83
CA SER A 661 -2.52 24.76 -17.59
C SER A 661 -3.26 23.48 -17.94
N LEU A 662 -4.50 23.34 -17.47
CA LEU A 662 -5.28 22.16 -17.82
C LEU A 662 -5.41 22.02 -19.32
N GLU A 663 -5.69 23.13 -20.03
CA GLU A 663 -5.85 23.03 -21.47
C GLU A 663 -4.53 22.74 -22.16
N ARG A 664 -3.41 23.21 -21.59
CA ARG A 664 -2.09 22.97 -22.16
C ARG A 664 -1.65 21.51 -21.96
N MET A 665 -1.91 20.95 -20.78
CA MET A 665 -1.45 19.60 -20.51
C MET A 665 -2.37 18.53 -21.08
N ALA A 666 -3.64 18.85 -21.28
CA ALA A 666 -4.61 17.87 -21.76
C ALA A 666 -4.20 17.17 -23.05
N PRO A 667 -3.87 17.88 -24.14
CA PRO A 667 -3.49 17.14 -25.37
C PRO A 667 -2.20 16.36 -25.19
N LEU A 668 -1.33 16.78 -24.28
CA LEU A 668 -0.15 15.99 -23.95
C LEU A 668 -0.54 14.65 -23.34
N VAL A 669 -1.54 14.65 -22.45
CA VAL A 669 -2.07 13.40 -21.93
C VAL A 669 -2.77 12.60 -23.02
N ASP A 670 -3.51 13.28 -23.91
CA ASP A 670 -4.13 12.58 -25.03
C ASP A 670 -3.08 11.83 -25.84
N ARG A 671 -1.91 12.45 -26.04
CA ARG A 671 -0.85 11.80 -26.80
C ARG A 671 -0.32 10.58 -26.08
N GLN A 672 -0.10 10.69 -24.76
CA GLN A 672 0.43 9.57 -23.98
C GLN A 672 -0.52 8.37 -24.02
N ASN A 673 -1.79 8.59 -24.26
CA ASN A 673 -2.78 7.52 -24.36
C ASN A 673 -3.29 7.17 -25.77
N ALA A 674 -2.68 7.69 -26.82
CA ALA A 674 -3.15 7.46 -28.17
C ALA A 674 -3.16 6.00 -28.54
N GLY A 675 -2.33 5.26 -27.86
CA GLY A 675 -2.20 3.84 -28.10
C GLY A 675 -3.37 2.91 -27.78
N ASP A 676 -4.42 3.35 -27.09
CA ASP A 676 -5.48 2.41 -26.75
C ASP A 676 -6.93 2.66 -27.12
N VAL A 677 -7.61 1.56 -27.38
CA VAL A 677 -8.96 1.51 -27.90
C VAL A 677 -10.06 2.21 -27.13
N ALA A 678 -10.00 2.18 -25.83
CA ALA A 678 -11.03 2.80 -25.04
C ALA A 678 -10.79 4.27 -24.65
N TYR A 679 -9.76 4.90 -25.19
CA TYR A 679 -9.41 6.28 -24.83
C TYR A 679 -10.22 7.28 -25.65
N ARG A 680 -10.88 8.21 -24.96
CA ARG A 680 -11.57 9.33 -25.59
C ARG A 680 -10.76 10.60 -25.37
N PRO A 681 -10.15 11.21 -26.40
CA PRO A 681 -9.33 12.41 -26.17
C PRO A 681 -10.11 13.54 -25.51
N MET A 682 -9.41 14.28 -24.64
CA MET A 682 -10.03 15.42 -23.95
C MET A 682 -10.02 16.68 -24.81
N ALA A 683 -8.90 16.94 -25.50
CA ALA A 683 -8.80 18.06 -26.43
C ALA A 683 -9.34 17.65 -27.80
N PRO A 684 -9.89 18.61 -28.59
CA PRO A 684 -10.04 20.05 -28.31
C PRO A 684 -11.29 20.44 -27.53
N ASN A 685 -12.28 19.55 -27.47
CA ASN A 685 -13.58 19.90 -26.89
C ASN A 685 -13.61 19.55 -25.40
N PHE A 686 -12.81 20.31 -24.65
CA PHE A 686 -12.61 20.06 -23.23
C PHE A 686 -13.93 19.91 -22.48
N ASP A 687 -14.83 20.88 -22.65
CA ASP A 687 -16.04 20.87 -21.84
C ASP A 687 -17.04 19.80 -22.28
N ASP A 688 -16.73 19.01 -23.32
CA ASP A 688 -17.50 17.81 -23.68
C ASP A 688 -16.93 16.54 -23.04
N SER A 689 -15.78 16.62 -22.36
CA SER A 689 -15.16 15.47 -21.73
C SER A 689 -15.53 15.43 -20.25
N ILE A 690 -16.21 14.36 -19.83
CA ILE A 690 -16.53 14.23 -18.40
C ILE A 690 -15.26 14.15 -17.58
N ALA A 691 -14.22 13.52 -18.13
CA ALA A 691 -12.95 13.39 -17.41
C ALA A 691 -12.27 14.75 -17.25
N PHE A 692 -12.23 15.56 -18.31
CA PHE A 692 -11.64 16.89 -18.17
C PHE A 692 -12.38 17.72 -17.15
N LEU A 693 -13.71 17.67 -17.17
CA LEU A 693 -14.53 18.43 -16.22
C LEU A 693 -14.32 17.92 -14.79
N ALA A 694 -14.16 16.61 -14.63
CA ALA A 694 -13.81 16.05 -13.32
C ALA A 694 -12.51 16.63 -12.80
N ALA A 695 -11.48 16.68 -13.65
CA ALA A 695 -10.19 17.20 -13.22
C ALA A 695 -10.31 18.67 -12.83
N GLN A 696 -11.06 19.44 -13.63
CA GLN A 696 -11.28 20.85 -13.30
C GLN A 696 -12.01 21.00 -11.97
N GLU A 697 -13.02 20.16 -11.74
CA GLU A 697 -13.82 20.25 -10.53
C GLU A 697 -12.98 19.91 -9.29
N LEU A 698 -12.10 18.91 -9.41
CA LEU A 698 -11.25 18.56 -8.28
C LEU A 698 -10.40 19.74 -7.82
N ILE A 699 -10.00 20.62 -8.74
CA ILE A 699 -9.24 21.80 -8.34
C ILE A 699 -10.18 22.92 -7.87
N LEU A 700 -11.18 23.27 -8.67
CA LEU A 700 -11.96 24.46 -8.37
C LEU A 700 -12.90 24.26 -7.18
N SER A 701 -13.30 23.03 -6.92
CA SER A 701 -14.11 22.69 -5.75
C SER A 701 -13.29 22.03 -4.66
N GLY A 702 -11.97 21.92 -4.84
CA GLY A 702 -11.13 21.17 -3.91
C GLY A 702 -11.19 21.68 -2.48
N ALA A 703 -11.18 23.01 -2.31
CA ALA A 703 -11.21 23.53 -0.95
C ALA A 703 -12.50 23.18 -0.23
N GLN A 704 -13.58 22.87 -0.98
CA GLN A 704 -14.88 22.55 -0.42
C GLN A 704 -15.09 21.07 -0.17
N GLN A 705 -14.17 20.20 -0.59
CA GLN A 705 -14.41 18.78 -0.36
C GLN A 705 -14.09 18.42 1.09
N PRO A 706 -14.79 17.45 1.66
CA PRO A 706 -14.57 17.11 3.07
C PRO A 706 -13.17 16.55 3.28
N ASN A 707 -12.37 17.24 4.09
CA ASN A 707 -10.98 16.89 4.34
C ASN A 707 -10.19 16.76 3.04
N GLY A 708 -10.64 17.43 1.99
CA GLY A 708 -9.95 17.37 0.71
C GLY A 708 -10.06 16.05 -0.03
N TYR A 709 -11.00 15.18 0.36
CA TYR A 709 -11.09 13.88 -0.28
C TYR A 709 -11.59 13.99 -1.73
N THR A 710 -11.03 13.13 -2.59
CA THR A 710 -11.30 13.13 -4.02
C THR A 710 -12.45 12.20 -4.41
N GLU A 711 -12.85 11.27 -3.54
CA GLU A 711 -13.85 10.28 -3.95
C GLU A 711 -15.19 10.90 -4.30
N PRO A 712 -15.75 11.85 -3.54
CA PRO A 712 -17.07 12.38 -3.91
C PRO A 712 -17.15 12.79 -5.37
N ILE A 713 -16.20 13.61 -5.83
CA ILE A 713 -16.20 14.03 -7.22
C ILE A 713 -15.92 12.87 -8.15
N LEU A 714 -14.87 12.09 -7.88
CA LEU A 714 -14.52 10.99 -8.77
C LEU A 714 -15.67 10.01 -8.95
N HIS A 715 -16.33 9.64 -7.84
CA HIS A 715 -17.41 8.66 -7.95
C HIS A 715 -18.58 9.22 -8.75
N ARG A 716 -18.91 10.49 -8.51
CA ARG A 716 -19.99 11.12 -9.25
C ARG A 716 -19.69 11.15 -10.75
N ARG A 717 -18.47 11.50 -11.13
CA ARG A 717 -18.12 11.67 -12.54
C ARG A 717 -17.98 10.33 -13.25
N ARG A 718 -17.44 9.33 -12.56
CA ARG A 718 -17.39 7.98 -13.16
C ARG A 718 -18.79 7.45 -13.41
N ARG A 719 -19.69 7.60 -12.43
CA ARG A 719 -21.07 7.14 -12.63
CA ARG A 719 -21.07 7.14 -12.63
C ARG A 719 -21.75 7.93 -13.75
N GLU A 720 -21.47 9.23 -13.82
CA GLU A 720 -21.97 10.03 -14.94
C GLU A 720 -21.50 9.47 -16.27
N PHE A 721 -20.20 9.17 -16.38
CA PHE A 721 -19.65 8.61 -17.62
C PHE A 721 -20.31 7.28 -17.96
N LYS A 722 -20.45 6.39 -16.97
CA LYS A 722 -21.09 5.10 -17.20
C LYS A 722 -22.52 5.27 -17.71
N ALA A 723 -23.24 6.23 -17.14
CA ALA A 723 -24.62 6.46 -17.54
C ALA A 723 -24.70 6.96 -18.98
N ARG A 724 -23.82 7.88 -19.36
CA ARG A 724 -23.86 8.39 -20.73
C ARG A 724 -23.40 7.33 -21.74
N ALA A 725 -22.42 6.50 -21.36
CA ALA A 725 -22.06 5.39 -22.21
C ALA A 725 -23.17 4.34 -22.32
N ALA A 726 -24.15 4.38 -21.43
CA ALA A 726 -25.22 3.38 -21.43
C ALA A 726 -26.46 3.81 -22.22
N GLU A 727 -26.52 5.04 -22.72
CA GLU A 727 -27.69 5.50 -23.46
C GLU A 727 -27.34 5.91 -24.88
MG MG B . -3.54 6.45 1.79
MG MG C . 23.23 -9.30 10.14
MG MG D . -14.88 22.49 4.31
C10 EQA E . 0.26 5.35 -3.50
C13 EQA E . 0.02 2.89 -4.83
C02 EQA E . -0.72 6.93 1.28
C04 EQA E . -1.10 5.53 0.80
C06 EQA E . -0.35 4.92 -0.38
C07 EQA E . -0.98 4.46 -1.47
C09 EQA E . -0.38 4.30 -2.84
C11 EQA E . 0.79 5.18 -4.79
C12 EQA E . 0.67 3.97 -5.45
C14 EQA E . -0.50 3.06 -3.53
F15 EQA E . -1.10 2.05 -2.97
O01 EQA E . -1.73 7.58 1.58
O03 EQA E . 0.50 7.26 1.31
O05 EQA E . -2.04 4.90 1.31
O08 EQA E . -2.35 4.23 -1.45
C1 PEG F . -16.04 17.77 18.30
O1 PEG F . -16.67 18.12 17.11
C2 PEG F . -15.31 16.45 18.08
O2 PEG F . -14.64 16.11 19.26
C3 PEG F . -14.03 14.84 19.20
C4 PEG F . -13.05 14.70 20.36
O4 PEG F . -13.76 14.52 21.56
#